data_5XVM
#
_entry.id   5XVM
#
_cell.length_a   68.859
_cell.length_b   83.571
_cell.length_c   151.890
_cell.angle_alpha   90.00
_cell.angle_beta   90.00
_cell.angle_gamma   90.00
#
_symmetry.space_group_name_H-M   'P 21 21 21'
#
loop_
_entity.id
_entity.type
_entity.pdbx_description
1 polymer 'Sterol 3-beta-glucosyltransferase'
2 water water
#
_entity_poly.entity_id   1
_entity_poly.type   'polypeptide(L)'
_entity_poly.pdbx_seq_one_letter_code
;MLMIDENPHYKTSIKPNKSYKFGLLTIGSRGDVQPYIALGKGLIKEGHQVVIITHSEFRDFVESHGIQFEEIAGNPVELM
SLMVENESMNVKMLREASSKFRGWIDALLQTSWEVCNRRKFDILIESPSAMVGIHITEALQIPYFRAFTMPWTRTRAYPH
AFIVPDQKRGGNYNYLTHVLFENVFWKGISGQVNKWRVETLGLGKTNLFLLQQNNVPFLYNVSPTIFPPSIDFSEWVRVT
GYWFLDDKSTFKPPAELQEFISEARSKGKKLVYIGFGSIVVSNAKEMTEALVEAVMEADVYCILNKGWSERLGDKAAKKT
EVDLPRNILNIGNVPHDWLFPQVDAAVHHGGSGTTGASLRAGLPTVIKPFFGDQFFYAGRVEDIGVGIALKKLNAQTLAD
ALKVATTNKIMKDRAGLIKKKISKEDGIKTAISAIYNELEYARSVTLSRVKTPRKKEENVDATKLTPAETTDEGWTMI
;
_entity_poly.pdbx_strand_id   A,B
#
# COMPACT_ATOMS: atom_id res chain seq x y z
N SER A 19 5.03 41.96 -14.79
CA SER A 19 6.27 41.45 -14.13
C SER A 19 6.08 41.22 -12.60
N TYR A 20 5.81 39.96 -12.21
CA TYR A 20 5.42 39.53 -10.88
C TYR A 20 6.55 38.97 -10.02
N LYS A 21 6.43 39.19 -8.71
CA LYS A 21 7.31 38.64 -7.70
C LYS A 21 6.80 37.23 -7.35
N PHE A 22 7.54 36.21 -7.80
CA PHE A 22 7.12 34.78 -7.67
C PHE A 22 7.76 34.14 -6.46
N GLY A 23 7.03 33.19 -5.90
CA GLY A 23 7.50 32.38 -4.78
C GLY A 23 7.33 30.92 -5.14
N LEU A 24 8.45 30.26 -5.40
CA LEU A 24 8.46 28.84 -5.72
C LEU A 24 8.91 28.07 -4.47
N LEU A 25 7.96 27.40 -3.83
CA LEU A 25 8.19 26.75 -2.55
C LEU A 25 8.05 25.24 -2.70
N THR A 26 9.05 24.51 -2.21
CA THR A 26 9.03 23.04 -2.21
C THR A 26 9.91 22.48 -1.10
N ILE A 27 9.49 21.33 -0.56
CA ILE A 27 10.32 20.54 0.36
C ILE A 27 10.84 19.27 -0.34
N GLY A 28 11.63 18.49 0.36
CA GLY A 28 12.21 17.27 -0.19
C GLY A 28 13.59 17.39 -0.80
N SER A 29 13.78 16.68 -1.91
CA SER A 29 15.10 16.36 -2.45
C SER A 29 15.49 17.32 -3.56
N ARG A 30 16.69 17.13 -4.07
CA ARG A 30 17.26 17.91 -5.17
C ARG A 30 16.45 17.72 -6.43
N GLY A 31 15.99 16.48 -6.63
CA GLY A 31 15.04 16.17 -7.71
C GLY A 31 13.75 16.97 -7.70
N ASP A 32 13.24 17.30 -6.50
CA ASP A 32 12.04 18.09 -6.34
C ASP A 32 12.34 19.56 -6.55
N VAL A 33 13.50 20.02 -6.10
CA VAL A 33 13.90 21.43 -6.22
C VAL A 33 14.11 21.81 -7.70
N GLN A 34 14.80 20.93 -8.42
CA GLN A 34 15.20 21.17 -9.80
C GLN A 34 14.16 21.72 -10.79
N PRO A 35 12.99 21.07 -10.94
CA PRO A 35 12.05 21.59 -11.93
C PRO A 35 11.58 23.04 -11.69
N TYR A 36 11.54 23.47 -10.42
CA TYR A 36 11.28 24.88 -10.09
C TYR A 36 12.44 25.79 -10.55
N ILE A 37 13.69 25.30 -10.50
CA ILE A 37 14.80 26.03 -11.09
C ILE A 37 14.55 26.20 -12.58
N ALA A 38 14.21 25.13 -13.25
CA ALA A 38 13.81 25.20 -14.67
C ALA A 38 12.71 26.22 -14.88
N LEU A 39 11.61 26.07 -14.17
CA LEU A 39 10.48 27.00 -14.30
C LEU A 39 10.87 28.42 -13.92
N GLY A 40 11.70 28.54 -12.90
CA GLY A 40 12.15 29.81 -12.38
C GLY A 40 13.00 30.58 -13.35
N LYS A 41 13.83 29.88 -14.12
CA LYS A 41 14.60 30.48 -15.22
C LYS A 41 13.69 31.00 -16.30
N GLY A 42 12.74 30.19 -16.70
CA GLY A 42 11.78 30.59 -17.72
C GLY A 42 10.94 31.76 -17.27
N LEU A 43 10.57 31.77 -16.00
CA LEU A 43 9.87 32.90 -15.42
C LEU A 43 10.72 34.18 -15.44
N ILE A 44 12.02 34.04 -15.17
CA ILE A 44 12.94 35.19 -15.21
C ILE A 44 13.05 35.72 -16.65
N LYS A 45 13.32 34.82 -17.61
CA LYS A 45 13.31 35.16 -19.07
C LYS A 45 12.02 35.81 -19.57
N GLU A 46 10.92 35.67 -18.83
CA GLU A 46 9.67 36.41 -19.08
C GLU A 46 9.59 37.76 -18.34
N GLY A 47 10.66 38.14 -17.67
CA GLY A 47 10.70 39.42 -16.98
C GLY A 47 10.10 39.44 -15.60
N HIS A 48 9.94 38.28 -14.99
CA HIS A 48 9.43 38.20 -13.63
C HIS A 48 10.61 37.99 -12.72
N GLN A 49 10.31 37.99 -11.42
CA GLN A 49 11.28 37.72 -10.38
C GLN A 49 10.91 36.41 -9.73
N VAL A 50 11.90 35.68 -9.25
CA VAL A 50 11.69 34.33 -8.73
C VAL A 50 12.49 34.12 -7.45
N VAL A 51 11.85 33.53 -6.45
CA VAL A 51 12.55 33.06 -5.29
C VAL A 51 12.12 31.63 -5.10
N ILE A 52 13.06 30.71 -5.23
CA ILE A 52 12.89 29.35 -4.76
C ILE A 52 13.07 29.32 -3.24
N ILE A 53 12.12 28.71 -2.55
CA ILE A 53 12.03 28.69 -1.10
C ILE A 53 12.09 27.22 -0.66
N THR A 54 13.22 26.78 -0.13
CA THR A 54 13.46 25.34 0.16
C THR A 54 14.59 25.13 1.19
N HIS A 55 15.08 23.90 1.33
CA HIS A 55 16.03 23.57 2.43
C HIS A 55 17.43 24.05 2.13
N SER A 56 18.18 24.40 3.20
CA SER A 56 19.46 25.10 3.09
C SER A 56 20.40 24.40 2.15
N GLU A 57 20.41 23.09 2.15
CA GLU A 57 21.37 22.36 1.33
C GLU A 57 21.27 22.70 -0.15
N PHE A 58 20.14 23.21 -0.59
CA PHE A 58 19.96 23.59 -1.99
C PHE A 58 20.20 25.06 -2.30
N ARG A 59 20.84 25.79 -1.38
CA ARG A 59 21.14 27.22 -1.61
C ARG A 59 22.12 27.45 -2.77
N ASP A 60 23.27 26.79 -2.69
CA ASP A 60 24.26 26.76 -3.77
C ASP A 60 23.65 26.36 -5.10
N PHE A 61 22.90 25.26 -5.07
CA PHE A 61 22.24 24.74 -6.27
C PHE A 61 21.40 25.87 -6.90
N VAL A 62 20.45 26.41 -6.14
CA VAL A 62 19.53 27.47 -6.64
C VAL A 62 20.27 28.75 -7.07
N GLU A 63 21.15 29.23 -6.21
CA GLU A 63 21.88 30.47 -6.48
C GLU A 63 22.81 30.33 -7.68
N SER A 64 23.38 29.13 -7.89
CA SER A 64 24.24 28.86 -9.06
C SER A 64 23.53 28.95 -10.41
N HIS A 65 22.20 28.98 -10.39
CA HIS A 65 21.39 29.21 -11.59
C HIS A 65 20.82 30.64 -11.61
N GLY A 66 21.47 31.54 -10.86
CA GLY A 66 21.06 32.91 -10.76
C GLY A 66 19.60 33.07 -10.36
N ILE A 67 19.21 32.38 -9.30
CA ILE A 67 17.84 32.45 -8.77
C ILE A 67 17.97 32.66 -7.27
N GLN A 68 16.98 33.33 -6.69
CA GLN A 68 17.04 33.66 -5.27
C GLN A 68 16.54 32.52 -4.34
N PHE A 69 17.14 32.42 -3.18
CA PHE A 69 16.90 31.33 -2.25
C PHE A 69 16.29 31.85 -0.95
N GLU A 70 15.44 31.06 -0.32
CA GLU A 70 15.06 31.33 1.06
C GLU A 70 14.97 30.02 1.85
N GLU A 71 15.72 29.91 2.93
CA GLU A 71 15.73 28.69 3.75
C GLU A 71 14.45 28.41 4.53
N ILE A 72 14.05 27.14 4.56
CA ILE A 72 12.89 26.70 5.35
C ILE A 72 13.16 25.33 5.93
N ALA A 73 12.42 24.99 6.97
CA ALA A 73 12.53 23.72 7.66
C ALA A 73 11.66 22.65 7.04
N GLY A 74 11.30 21.65 7.84
CA GLY A 74 10.47 20.58 7.36
C GLY A 74 11.04 19.74 6.25
N ASN A 75 12.33 19.48 6.32
CA ASN A 75 12.98 18.62 5.35
C ASN A 75 12.58 17.19 5.67
N PRO A 76 12.12 16.44 4.69
CA PRO A 76 11.73 15.05 4.92
C PRO A 76 12.82 14.14 5.47
N VAL A 77 14.09 14.35 5.09
CA VAL A 77 15.16 13.48 5.61
C VAL A 77 15.26 13.52 7.15
N GLU A 78 14.86 14.64 7.77
CA GLU A 78 14.79 14.75 9.22
C GLU A 78 13.68 13.88 9.84
N LEU A 79 12.63 13.56 9.09
CA LEU A 79 11.63 12.59 9.56
C LEU A 79 12.16 11.14 9.56
N MET A 80 12.72 10.72 8.42
CA MET A 80 13.33 9.38 8.28
C MET A 80 14.22 9.02 9.47
N SER A 81 14.91 10.01 10.04
CA SER A 81 15.50 9.91 11.40
C SER A 81 14.42 9.45 12.40
N SER A 98 6.80 11.45 18.06
CA SER A 98 5.77 12.40 17.64
C SER A 98 6.00 13.85 18.08
N SER A 99 6.81 14.08 19.12
CA SER A 99 7.28 15.44 19.43
C SER A 99 8.14 15.97 18.29
N LYS A 100 9.11 15.15 17.89
CA LYS A 100 10.02 15.44 16.78
C LYS A 100 9.28 15.86 15.52
N PHE A 101 8.22 15.10 15.20
CA PHE A 101 7.31 15.40 14.08
C PHE A 101 6.51 16.69 14.32
N ARG A 102 5.93 16.80 15.52
CA ARG A 102 5.12 17.96 15.90
C ARG A 102 5.98 19.24 15.82
N GLY A 103 7.25 19.10 16.21
CA GLY A 103 8.23 20.19 16.13
C GLY A 103 8.78 20.41 14.74
N TRP A 104 8.93 19.31 13.98
CA TRP A 104 9.29 19.36 12.56
C TRP A 104 8.32 20.23 11.76
N ILE A 105 7.02 19.96 11.93
CA ILE A 105 5.97 20.73 11.25
C ILE A 105 6.06 22.20 11.66
N ASP A 106 6.10 22.45 12.98
CA ASP A 106 6.22 23.80 13.54
C ASP A 106 7.31 24.64 12.88
N ALA A 107 8.49 24.06 12.76
CA ALA A 107 9.60 24.73 12.09
C ALA A 107 9.24 25.22 10.69
N LEU A 108 8.65 24.32 9.89
CA LEU A 108 8.25 24.60 8.51
C LEU A 108 7.20 25.71 8.46
N LEU A 109 6.21 25.62 9.36
CA LEU A 109 5.13 26.58 9.43
C LEU A 109 5.68 28.00 9.72
N GLN A 110 6.58 28.11 10.69
CA GLN A 110 7.10 29.40 11.13
C GLN A 110 8.12 29.98 10.17
N THR A 111 8.97 29.12 9.60
CA THR A 111 9.99 29.57 8.64
C THR A 111 9.37 30.04 7.31
N SER A 112 8.49 29.22 6.75
CA SER A 112 7.84 29.56 5.50
C SER A 112 6.99 30.81 5.64
N TRP A 113 6.30 30.97 6.78
CA TRP A 113 5.53 32.19 7.01
C TRP A 113 6.45 33.39 7.02
N GLU A 114 7.46 33.32 7.88
CA GLU A 114 8.48 34.37 8.03
C GLU A 114 9.05 34.81 6.66
N VAL A 115 9.31 33.83 5.79
CA VAL A 115 9.84 34.07 4.43
C VAL A 115 8.79 34.76 3.54
N CYS A 116 7.65 34.10 3.35
CA CYS A 116 6.57 34.61 2.49
C CYS A 116 6.03 35.94 2.96
N ASN A 117 6.00 36.14 4.27
CA ASN A 117 5.47 37.36 4.89
C ASN A 117 6.44 38.55 4.77
N ARG A 118 7.73 38.26 4.94
CA ARG A 118 8.79 39.24 4.70
C ARG A 118 8.92 39.63 3.23
N ARG A 119 8.82 38.65 2.34
CA ARG A 119 8.99 38.88 0.90
C ARG A 119 7.80 39.54 0.22
N LYS A 120 6.59 39.21 0.66
CA LYS A 120 5.34 39.68 0.02
C LYS A 120 5.37 39.38 -1.49
N PHE A 121 5.37 38.09 -1.81
CA PHE A 121 5.31 37.67 -3.21
C PHE A 121 3.93 38.00 -3.78
N ASP A 122 3.90 38.21 -5.09
CA ASP A 122 2.65 38.43 -5.82
C ASP A 122 1.92 37.13 -6.02
N ILE A 123 2.64 36.15 -6.56
CA ILE A 123 2.12 34.82 -6.85
C ILE A 123 2.96 33.85 -6.04
N LEU A 124 2.33 32.85 -5.43
CA LEU A 124 3.06 31.71 -4.84
C LEU A 124 2.70 30.42 -5.58
N ILE A 125 3.72 29.62 -5.90
CA ILE A 125 3.51 28.28 -6.47
C ILE A 125 4.19 27.29 -5.52
N GLU A 126 3.48 26.21 -5.20
CA GLU A 126 3.89 25.28 -4.16
C GLU A 126 3.76 23.82 -4.56
N SER A 127 4.73 23.01 -4.17
CA SER A 127 4.52 21.58 -4.13
C SER A 127 3.63 21.29 -2.92
N PRO A 128 2.39 20.78 -3.14
CA PRO A 128 1.45 20.56 -2.05
C PRO A 128 2.01 19.78 -0.89
N SER A 129 3.00 18.90 -1.16
CA SER A 129 3.77 18.22 -0.08
C SER A 129 4.12 19.16 1.11
N ALA A 130 4.62 20.36 0.83
CA ALA A 130 4.90 21.33 1.86
C ALA A 130 3.53 21.91 2.02
N MET A 131 2.92 21.66 3.15
CA MET A 131 1.53 22.03 3.42
C MET A 131 1.13 23.49 3.50
N VAL A 132 2.10 24.35 3.79
CA VAL A 132 1.87 25.76 4.05
C VAL A 132 1.22 26.77 3.07
N GLY A 133 1.49 26.64 1.79
CA GLY A 133 1.14 27.62 0.77
C GLY A 133 -0.31 28.02 0.72
N ILE A 134 -1.23 27.06 0.87
CA ILE A 134 -2.66 27.38 0.74
C ILE A 134 -3.14 28.33 1.86
N HIS A 135 -2.51 28.19 3.03
CA HIS A 135 -2.86 28.97 4.22
C HIS A 135 -2.12 30.29 4.16
N ILE A 136 -0.84 30.27 3.79
CA ILE A 136 -0.08 31.50 3.62
C ILE A 136 -0.75 32.39 2.57
N THR A 137 -1.05 31.83 1.41
CA THR A 137 -1.65 32.64 0.34
C THR A 137 -3.01 33.20 0.70
N GLU A 138 -3.72 32.52 1.59
CA GLU A 138 -4.97 33.01 2.18
C GLU A 138 -4.74 34.24 3.07
N ALA A 139 -3.70 34.17 3.90
CA ALA A 139 -3.31 35.27 4.77
C ALA A 139 -2.77 36.48 3.96
N LEU A 140 -1.88 36.21 3.00
CA LEU A 140 -1.33 37.28 2.16
C LEU A 140 -2.26 37.71 1.04
N GLN A 141 -3.37 37.02 0.83
CA GLN A 141 -4.41 37.38 -0.14
C GLN A 141 -3.85 37.52 -1.55
N ILE A 142 -3.04 36.54 -1.95
CA ILE A 142 -2.36 36.55 -3.23
C ILE A 142 -2.79 35.33 -4.01
N PRO A 143 -2.75 35.39 -5.36
CA PRO A 143 -3.03 34.17 -6.13
C PRO A 143 -2.02 33.08 -5.84
N TYR A 144 -2.46 31.83 -6.04
CA TYR A 144 -1.76 30.64 -5.57
C TYR A 144 -1.98 29.45 -6.50
N PHE A 145 -0.88 28.83 -6.90
CA PHE A 145 -0.92 27.62 -7.72
C PHE A 145 -0.29 26.49 -6.95
N ARG A 146 -0.66 25.29 -7.33
CA ARG A 146 0.03 24.10 -6.89
C ARG A 146 0.65 23.46 -8.09
N ALA A 147 1.72 22.75 -7.82
CA ALA A 147 2.45 22.08 -8.87
C ALA A 147 3.09 20.82 -8.32
N PHE A 148 2.87 19.71 -9.02
CA PHE A 148 3.42 18.45 -8.55
C PHE A 148 3.66 17.43 -9.67
N THR A 149 4.24 16.30 -9.29
CA THR A 149 4.84 15.33 -10.17
C THR A 149 4.25 13.92 -9.95
N MET A 150 3.07 13.86 -9.35
CA MET A 150 2.43 12.61 -8.96
C MET A 150 0.96 12.91 -8.63
N PRO A 151 0.03 11.96 -8.88
CA PRO A 151 -1.38 12.22 -8.63
C PRO A 151 -1.67 12.74 -7.22
N TRP A 152 -2.37 13.88 -7.18
CA TRP A 152 -2.72 14.57 -5.93
C TRP A 152 -4.01 15.40 -6.06
N THR A 153 -4.81 15.10 -7.08
CA THR A 153 -6.13 15.71 -7.25
C THR A 153 -7.14 14.54 -7.38
N ARG A 154 -8.41 14.80 -7.14
CA ARG A 154 -9.42 13.75 -7.16
C ARG A 154 -9.71 13.33 -8.58
N THR A 155 -9.57 12.05 -8.86
CA THR A 155 -9.83 11.50 -10.20
C THR A 155 -10.18 10.03 -10.07
N ARG A 156 -10.96 9.52 -11.02
CA ARG A 156 -11.25 8.11 -11.04
C ARG A 156 -10.19 7.39 -11.87
N ALA A 157 -9.41 8.15 -12.62
CA ALA A 157 -8.44 7.55 -13.53
C ALA A 157 -7.07 7.27 -12.90
N TYR A 158 -6.82 7.85 -11.72
CA TYR A 158 -5.60 7.56 -10.97
C TYR A 158 -5.84 7.49 -9.46
N PRO A 159 -5.17 6.55 -8.77
CA PRO A 159 -5.24 6.58 -7.34
C PRO A 159 -4.31 7.65 -6.84
N HIS A 160 -4.42 7.99 -5.57
CA HIS A 160 -3.49 8.89 -4.97
C HIS A 160 -2.11 8.24 -5.01
N ALA A 161 -1.07 9.05 -5.15
CA ALA A 161 0.31 8.56 -5.29
C ALA A 161 0.75 7.69 -4.12
N PHE A 162 0.45 8.14 -2.90
CA PHE A 162 0.73 7.39 -1.67
C PHE A 162 -0.25 6.27 -1.28
N ILE A 163 -1.27 6.01 -2.09
CA ILE A 163 -2.16 4.86 -1.85
C ILE A 163 -2.35 4.06 -3.15
N VAL A 164 -1.24 3.81 -3.84
CA VAL A 164 -1.28 3.10 -5.13
C VAL A 164 -1.44 1.62 -4.83
N PRO A 165 -2.50 0.98 -5.34
CA PRO A 165 -2.69 -0.43 -5.03
C PRO A 165 -1.79 -1.38 -5.84
N ASP A 166 -1.74 -2.62 -5.38
CA ASP A 166 -0.89 -3.64 -5.97
C ASP A 166 -1.31 -3.99 -7.38
N GLN A 167 -2.61 -4.10 -7.55
CA GLN A 167 -3.27 -4.45 -8.79
C GLN A 167 -4.13 -3.23 -9.09
N LYS A 168 -4.32 -2.89 -10.35
CA LYS A 168 -5.23 -1.79 -10.68
C LYS A 168 -6.59 -2.21 -10.20
N ARG A 169 -7.09 -1.52 -9.18
CA ARG A 169 -8.48 -1.69 -8.70
C ARG A 169 -9.39 -0.75 -9.49
N GLY A 170 -10.63 -0.58 -9.05
CA GLY A 170 -11.56 0.26 -9.78
C GLY A 170 -11.19 1.73 -9.89
N GLY A 171 -11.93 2.42 -10.75
CA GLY A 171 -11.87 3.85 -10.81
C GLY A 171 -12.45 4.50 -9.57
N ASN A 172 -13.43 3.85 -8.96
CA ASN A 172 -14.02 4.39 -7.73
C ASN A 172 -13.08 4.19 -6.57
N TYR A 173 -12.36 3.06 -6.56
CA TYR A 173 -11.23 2.88 -5.63
C TYR A 173 -10.29 4.10 -5.72
N ASN A 174 -9.81 4.36 -6.95
CA ASN A 174 -8.94 5.48 -7.21
C ASN A 174 -9.43 6.76 -6.57
N TYR A 175 -10.64 7.19 -6.95
CA TYR A 175 -11.22 8.42 -6.43
C TYR A 175 -11.14 8.45 -4.89
N LEU A 176 -11.61 7.36 -4.27
CA LEU A 176 -11.64 7.23 -2.81
C LEU A 176 -10.25 7.34 -2.14
N THR A 177 -9.22 6.82 -2.78
CA THR A 177 -7.88 6.91 -2.23
C THR A 177 -7.49 8.37 -2.06
N HIS A 178 -7.85 9.21 -3.02
CA HIS A 178 -7.66 10.65 -2.85
C HIS A 178 -8.47 11.13 -1.63
N VAL A 179 -9.78 10.82 -1.62
CA VAL A 179 -10.69 11.29 -0.57
C VAL A 179 -10.14 10.96 0.78
N LEU A 180 -9.70 9.71 0.92
CA LEU A 180 -9.01 9.23 2.10
C LEU A 180 -7.76 10.07 2.37
N PHE A 181 -6.83 10.10 1.42
CA PHE A 181 -5.56 10.77 1.67
C PHE A 181 -5.74 12.23 2.08
N GLU A 182 -6.61 12.93 1.37
CA GLU A 182 -6.89 14.32 1.69
C GLU A 182 -7.29 14.45 3.16
N ASN A 183 -8.22 13.59 3.61
CA ASN A 183 -8.67 13.64 5.01
C ASN A 183 -7.59 13.23 5.97
N VAL A 184 -6.94 12.08 5.71
CA VAL A 184 -5.86 11.60 6.60
C VAL A 184 -4.73 12.63 6.69
N PHE A 185 -4.25 13.11 5.54
CA PHE A 185 -3.17 14.10 5.52
C PHE A 185 -3.57 15.41 6.24
N TRP A 186 -4.83 15.81 6.12
CA TRP A 186 -5.29 17.00 6.81
C TRP A 186 -5.44 16.76 8.31
N LYS A 187 -6.18 15.70 8.66
CA LYS A 187 -6.50 15.41 10.06
C LYS A 187 -5.23 15.24 10.89
N GLY A 188 -4.19 14.68 10.29
CA GLY A 188 -2.90 14.52 10.96
C GLY A 188 -2.22 15.82 11.33
N ILE A 189 -2.44 16.87 10.52
CA ILE A 189 -1.88 18.20 10.79
C ILE A 189 -2.91 19.28 11.15
N SER A 190 -4.20 18.96 11.09
CA SER A 190 -5.25 19.99 11.18
C SER A 190 -5.18 20.85 12.46
N GLY A 191 -5.04 20.18 13.60
CA GLY A 191 -4.97 20.87 14.89
C GLY A 191 -3.84 21.89 15.00
N GLN A 192 -2.72 21.58 14.37
CA GLN A 192 -1.48 22.38 14.48
C GLN A 192 -1.52 23.55 13.54
N VAL A 193 -1.89 23.25 12.28
CA VAL A 193 -2.05 24.26 11.23
C VAL A 193 -3.14 25.28 11.64
N ASN A 194 -4.26 24.80 12.16
CA ASN A 194 -5.30 25.72 12.65
C ASN A 194 -4.85 26.60 13.84
N LYS A 195 -3.98 26.06 14.70
CA LYS A 195 -3.32 26.86 15.74
C LYS A 195 -2.42 27.94 15.08
N TRP A 196 -1.51 27.50 14.21
CA TRP A 196 -0.62 28.40 13.44
C TRP A 196 -1.36 29.42 12.60
N ARG A 197 -2.48 29.00 11.99
CA ARG A 197 -3.38 29.90 11.25
C ARG A 197 -3.93 31.01 12.15
N VAL A 198 -4.56 30.58 13.24
CA VAL A 198 -5.18 31.49 14.20
C VAL A 198 -4.12 32.39 14.87
N GLU A 199 -3.10 31.75 15.45
CA GLU A 199 -2.08 32.42 16.25
C GLU A 199 -1.11 33.24 15.40
N THR A 200 -0.45 32.59 14.47
CA THR A 200 0.62 33.22 13.68
C THR A 200 0.15 33.92 12.38
N LEU A 201 -0.84 33.33 11.70
CA LEU A 201 -1.35 33.89 10.42
C LEU A 201 -2.49 34.88 10.60
N GLY A 202 -3.19 34.80 11.72
CA GLY A 202 -4.29 35.74 12.00
C GLY A 202 -5.44 35.48 11.05
N LEU A 203 -5.87 34.23 11.02
CA LEU A 203 -6.94 33.74 10.17
C LEU A 203 -7.85 32.93 11.04
N GLY A 204 -8.99 32.55 10.47
CA GLY A 204 -9.86 31.61 11.14
C GLY A 204 -9.21 30.24 11.15
N LYS A 205 -9.91 29.31 11.78
CA LYS A 205 -9.64 27.90 11.61
C LYS A 205 -10.27 27.52 10.28
N THR A 206 -9.86 26.39 9.73
CA THR A 206 -10.45 25.90 8.51
C THR A 206 -10.53 24.37 8.57
N ASN A 207 -11.11 23.81 7.52
CA ASN A 207 -11.16 22.37 7.31
C ASN A 207 -11.18 22.12 5.82
N LEU A 208 -11.09 20.87 5.41
CA LEU A 208 -11.08 20.53 4.00
C LEU A 208 -12.23 21.11 3.24
N PHE A 209 -13.42 21.12 3.84
CA PHE A 209 -14.57 21.66 3.13
C PHE A 209 -14.32 23.11 2.76
N LEU A 210 -13.92 23.90 3.74
CA LEU A 210 -13.65 25.32 3.55
C LEU A 210 -12.38 25.63 2.72
N LEU A 211 -11.35 24.81 2.88
CA LEU A 211 -10.16 24.94 2.04
C LEU A 211 -10.51 24.82 0.57
N GLN A 212 -11.45 23.93 0.24
CA GLN A 212 -11.78 23.65 -1.13
C GLN A 212 -10.48 23.46 -1.93
N GLN A 213 -9.57 22.60 -1.45
CA GLN A 213 -8.24 22.41 -2.08
C GLN A 213 -8.33 22.09 -3.57
N ASN A 214 -9.35 21.34 -3.99
CA ASN A 214 -9.42 20.91 -5.38
C ASN A 214 -9.66 22.07 -6.37
N ASN A 215 -10.30 23.13 -5.91
CA ASN A 215 -10.39 24.40 -6.67
C ASN A 215 -9.08 25.05 -7.12
N VAL A 216 -8.00 24.81 -6.38
CA VAL A 216 -6.71 25.46 -6.63
C VAL A 216 -6.16 24.99 -7.97
N PRO A 217 -5.72 25.93 -8.82
CA PRO A 217 -5.11 25.50 -10.08
C PRO A 217 -3.85 24.67 -9.84
N PHE A 218 -3.73 23.62 -10.64
CA PHE A 218 -2.76 22.58 -10.41
C PHE A 218 -1.98 22.27 -11.70
N LEU A 219 -0.68 22.55 -11.66
CA LEU A 219 0.21 22.23 -12.75
C LEU A 219 0.94 20.93 -12.46
N TYR A 220 0.61 19.89 -13.22
CA TYR A 220 1.31 18.63 -13.08
C TYR A 220 2.52 18.69 -14.01
N ASN A 221 3.71 18.83 -13.43
CA ASN A 221 4.95 18.89 -14.20
C ASN A 221 5.44 17.48 -14.56
N VAL A 222 4.67 16.88 -15.46
CA VAL A 222 4.83 15.52 -15.95
C VAL A 222 4.34 15.50 -17.38
N SER A 223 4.95 14.65 -18.21
CA SER A 223 4.49 14.43 -19.58
C SER A 223 3.10 13.85 -19.56
N PRO A 224 2.23 14.33 -20.45
CA PRO A 224 0.95 13.65 -20.53
C PRO A 224 1.01 12.34 -21.26
N THR A 225 2.15 11.99 -21.84
CA THR A 225 2.36 10.61 -22.36
C THR A 225 2.31 9.58 -21.24
N ILE A 226 3.06 9.84 -20.17
CA ILE A 226 3.10 8.99 -18.98
C ILE A 226 1.97 9.29 -17.99
N PHE A 227 1.48 10.52 -17.98
CA PHE A 227 0.40 10.92 -17.07
C PHE A 227 -0.72 11.66 -17.83
N PRO A 228 -1.41 10.96 -18.75
CA PRO A 228 -2.44 11.61 -19.58
C PRO A 228 -3.61 12.14 -18.76
N PRO A 229 -4.02 13.40 -18.99
CA PRO A 229 -5.00 13.99 -18.10
C PRO A 229 -6.31 13.23 -18.20
N SER A 230 -6.95 12.98 -17.08
CA SER A 230 -8.20 12.28 -17.08
C SER A 230 -9.32 13.15 -17.63
N ILE A 231 -10.34 12.49 -18.13
CA ILE A 231 -11.58 13.19 -18.55
C ILE A 231 -12.23 13.99 -17.40
N ASP A 232 -12.10 13.51 -16.17
CA ASP A 232 -12.66 14.19 -14.99
C ASP A 232 -11.73 15.16 -14.27
N PHE A 233 -10.59 15.52 -14.87
CA PHE A 233 -9.79 16.68 -14.41
C PHE A 233 -10.58 17.98 -14.64
N SER A 234 -10.61 18.85 -13.64
CA SER A 234 -11.14 20.20 -13.81
C SER A 234 -10.21 20.98 -14.73
N GLU A 235 -10.79 21.92 -15.48
CA GLU A 235 -10.09 22.91 -16.32
C GLU A 235 -8.80 23.49 -15.80
N TRP A 236 -8.79 23.74 -14.50
CA TRP A 236 -7.64 24.38 -13.83
C TRP A 236 -6.51 23.43 -13.43
N VAL A 237 -6.73 22.15 -13.64
CA VAL A 237 -5.77 21.10 -13.46
C VAL A 237 -5.18 20.76 -14.79
N ARG A 238 -3.90 21.06 -14.97
CA ARG A 238 -3.20 20.89 -16.25
C ARG A 238 -1.95 20.03 -16.14
N VAL A 239 -1.79 19.14 -17.10
CA VAL A 239 -0.60 18.33 -17.22
C VAL A 239 0.23 19.06 -18.24
N THR A 240 1.25 19.75 -17.76
CA THR A 240 2.04 20.71 -18.55
C THR A 240 3.07 20.08 -19.45
N GLY A 241 3.57 18.91 -19.07
CA GLY A 241 4.79 18.38 -19.65
C GLY A 241 5.88 18.60 -18.63
N TYR A 242 6.96 17.83 -18.72
CA TYR A 242 8.04 17.91 -17.75
C TYR A 242 8.73 19.29 -17.82
N TRP A 243 9.22 19.76 -16.67
CA TRP A 243 10.03 20.99 -16.58
C TRP A 243 11.53 20.63 -16.48
N PHE A 244 12.11 20.23 -17.61
CA PHE A 244 13.53 19.82 -17.71
C PHE A 244 14.47 21.04 -17.59
N LEU A 245 15.70 20.81 -17.07
CA LEU A 245 16.60 21.91 -16.68
C LEU A 245 17.43 22.58 -17.81
N ASP A 246 18.40 21.85 -18.39
CA ASP A 246 19.23 22.36 -19.53
C ASP A 246 20.25 23.44 -19.08
N THR A 250 26.86 20.94 -21.05
CA THR A 250 28.03 21.44 -20.34
C THR A 250 28.49 20.48 -19.25
N PHE A 251 28.59 19.21 -19.57
CA PHE A 251 29.04 18.25 -18.60
C PHE A 251 30.38 17.79 -19.09
N LYS A 252 31.38 17.78 -18.22
CA LYS A 252 32.70 17.33 -18.63
C LYS A 252 32.92 15.97 -18.01
N PRO A 253 32.74 14.92 -18.80
CA PRO A 253 32.91 13.57 -18.29
C PRO A 253 34.29 13.32 -17.68
N PRO A 254 34.38 12.49 -16.63
CA PRO A 254 35.67 11.93 -16.24
C PRO A 254 36.24 11.00 -17.30
N ALA A 255 37.55 10.84 -17.30
CA ALA A 255 38.23 9.92 -18.21
C ALA A 255 37.80 8.46 -17.97
N GLU A 256 37.53 8.15 -16.70
CA GLU A 256 37.07 6.82 -16.28
C GLU A 256 35.79 6.44 -17.00
N LEU A 257 34.83 7.36 -16.94
CA LEU A 257 33.51 7.17 -17.55
C LEU A 257 33.62 7.00 -19.07
N GLN A 258 34.36 7.91 -19.71
CA GLN A 258 34.55 7.87 -21.15
C GLN A 258 35.12 6.54 -21.58
N GLU A 259 36.19 6.08 -20.93
CA GLU A 259 36.80 4.83 -21.35
C GLU A 259 35.96 3.62 -20.92
N PHE A 260 35.18 3.75 -19.85
CA PHE A 260 34.23 2.68 -19.49
C PHE A 260 33.10 2.51 -20.50
N ILE A 261 32.55 3.62 -20.99
CA ILE A 261 31.54 3.56 -22.05
C ILE A 261 32.17 2.92 -23.31
N SER A 262 33.30 3.43 -23.78
CA SER A 262 33.86 2.91 -25.03
C SER A 262 34.36 1.50 -24.87
N GLU A 263 34.61 1.03 -23.63
CA GLU A 263 34.97 -0.37 -23.45
C GLU A 263 33.72 -1.22 -23.73
N ALA A 264 32.64 -0.91 -23.03
CA ALA A 264 31.36 -1.59 -23.22
C ALA A 264 30.99 -1.64 -24.69
N ARG A 265 31.19 -0.52 -25.37
CA ARG A 265 30.87 -0.43 -26.79
C ARG A 265 31.85 -1.24 -27.64
N SER A 266 33.16 -1.15 -27.35
CA SER A 266 34.22 -1.96 -28.03
C SER A 266 33.97 -3.46 -27.98
N LYS A 267 33.47 -3.91 -26.85
CA LYS A 267 33.15 -5.32 -26.67
C LYS A 267 31.85 -5.79 -27.35
N GLY A 268 30.99 -4.85 -27.76
CA GLY A 268 29.68 -5.17 -28.30
C GLY A 268 28.65 -5.49 -27.24
N LYS A 269 29.00 -5.28 -25.98
CA LYS A 269 28.11 -5.53 -24.84
C LYS A 269 27.13 -4.40 -24.62
N LYS A 270 26.00 -4.70 -24.00
CA LYS A 270 25.00 -3.65 -23.73
C LYS A 270 25.34 -2.83 -22.47
N LEU A 271 25.07 -1.52 -22.52
CA LEU A 271 25.44 -0.60 -21.47
C LEU A 271 24.18 -0.22 -20.75
N VAL A 272 24.18 -0.32 -19.42
CA VAL A 272 23.01 -0.05 -18.61
C VAL A 272 23.34 0.83 -17.40
N TYR A 273 22.36 1.64 -17.02
CA TYR A 273 22.43 2.45 -15.85
C TYR A 273 21.58 1.78 -14.77
N ILE A 274 22.18 1.56 -13.60
CA ILE A 274 21.45 1.14 -12.40
C ILE A 274 21.72 2.13 -11.29
N GLY A 275 20.65 2.75 -10.78
CA GLY A 275 20.75 3.69 -9.66
C GLY A 275 19.42 3.96 -8.99
N PHE A 276 19.31 3.71 -7.69
CA PHE A 276 18.05 3.84 -6.96
C PHE A 276 17.99 5.08 -6.06
N GLY A 277 19.03 5.92 -6.14
CA GLY A 277 19.10 7.12 -5.34
C GLY A 277 19.57 6.77 -3.94
N SER A 278 19.17 7.61 -2.97
CA SER A 278 19.44 7.37 -1.57
C SER A 278 18.31 6.55 -0.94
N ILE A 279 18.62 5.28 -0.64
CA ILE A 279 17.70 4.40 0.09
C ILE A 279 18.44 3.74 1.27
N VAL A 280 17.70 3.38 2.32
CA VAL A 280 18.26 2.60 3.43
C VAL A 280 17.88 1.13 3.22
N VAL A 281 18.83 0.22 3.46
CA VAL A 281 18.59 -1.20 3.24
C VAL A 281 19.03 -2.00 4.44
N SER A 282 18.71 -3.29 4.43
CA SER A 282 19.00 -4.21 5.53
C SER A 282 20.44 -4.77 5.49
N ASN A 283 20.93 -5.05 4.30
CA ASN A 283 22.22 -5.72 4.13
C ASN A 283 22.85 -5.29 2.80
N ALA A 284 23.24 -4.02 2.74
CA ALA A 284 23.84 -3.39 1.55
C ALA A 284 24.84 -4.24 0.75
N LYS A 285 25.71 -4.97 1.44
CA LYS A 285 26.72 -5.82 0.78
C LYS A 285 26.06 -6.91 -0.05
N GLU A 286 24.93 -7.44 0.43
CA GLU A 286 24.21 -8.50 -0.30
C GLU A 286 23.46 -7.92 -1.50
N MET A 287 22.86 -6.74 -1.35
CA MET A 287 22.17 -6.09 -2.46
C MET A 287 23.14 -5.77 -3.61
N THR A 288 24.27 -5.17 -3.25
CA THR A 288 25.40 -4.98 -4.16
C THR A 288 25.79 -6.30 -4.85
N GLU A 289 25.93 -7.38 -4.09
CA GLU A 289 26.26 -8.69 -4.67
C GLU A 289 25.17 -9.23 -5.60
N ALA A 290 23.91 -8.96 -5.26
CA ALA A 290 22.79 -9.32 -6.14
C ALA A 290 22.89 -8.57 -7.44
N LEU A 291 23.24 -7.29 -7.37
CA LEU A 291 23.52 -6.46 -8.55
C LEU A 291 24.61 -7.07 -9.42
N VAL A 292 25.78 -7.25 -8.81
CA VAL A 292 26.93 -7.75 -9.52
C VAL A 292 26.56 -9.06 -10.21
N GLU A 293 25.89 -9.96 -9.47
CA GLU A 293 25.42 -11.25 -9.97
C GLU A 293 24.50 -11.09 -11.20
N ALA A 294 23.52 -10.21 -11.07
CA ALA A 294 22.52 -9.98 -12.10
C ALA A 294 23.15 -9.36 -13.34
N VAL A 295 24.10 -8.46 -13.11
CA VAL A 295 24.80 -7.79 -14.19
C VAL A 295 25.54 -8.84 -15.00
N MET A 296 26.29 -9.70 -14.29
CA MET A 296 27.05 -10.78 -14.90
C MET A 296 26.18 -11.74 -15.69
N GLU A 297 25.06 -12.18 -15.13
CA GLU A 297 24.14 -13.09 -15.82
C GLU A 297 23.58 -12.54 -17.13
N ALA A 298 23.36 -11.23 -17.19
CA ALA A 298 22.91 -10.53 -18.42
C ALA A 298 24.07 -10.05 -19.31
N ASP A 299 25.30 -10.26 -18.90
CA ASP A 299 26.35 -9.85 -19.78
C ASP A 299 26.27 -8.37 -20.16
N VAL A 300 25.86 -7.49 -19.25
CA VAL A 300 25.86 -6.09 -19.61
C VAL A 300 27.03 -5.41 -18.90
N TYR A 301 27.47 -4.30 -19.46
CA TYR A 301 28.22 -3.32 -18.68
C TYR A 301 27.24 -2.49 -17.87
N CYS A 302 27.65 -2.09 -16.67
CA CYS A 302 26.76 -1.35 -15.79
C CYS A 302 27.39 -0.08 -15.21
N ILE A 303 26.75 1.06 -15.47
CA ILE A 303 27.09 2.35 -14.84
C ILE A 303 26.23 2.46 -13.61
N LEU A 304 26.86 2.30 -12.45
CA LEU A 304 26.17 2.16 -11.18
C LEU A 304 26.21 3.46 -10.37
N ASN A 305 25.04 4.03 -10.08
CA ASN A 305 24.93 5.20 -9.18
C ASN A 305 24.48 4.68 -7.85
N LYS A 306 25.41 4.03 -7.15
CA LYS A 306 25.13 3.39 -5.86
C LYS A 306 24.97 4.44 -4.79
N GLY A 307 23.90 4.32 -4.00
CA GLY A 307 23.60 5.27 -2.93
C GLY A 307 22.75 4.65 -1.84
N TRP A 308 22.97 3.34 -1.62
CA TRP A 308 22.27 2.58 -0.59
C TRP A 308 23.24 2.16 0.51
N SER A 309 22.80 2.31 1.76
CA SER A 309 23.55 1.91 2.93
C SER A 309 22.59 1.48 4.03
N GLU A 310 23.11 1.21 5.22
CA GLU A 310 22.28 0.87 6.37
C GLU A 310 21.92 2.10 7.23
N ARG A 311 22.64 3.20 7.06
CA ARG A 311 22.31 4.52 7.65
C ARG A 311 21.66 5.46 6.61
N LEU A 312 21.38 6.72 6.98
CA LEU A 312 20.83 7.74 6.03
C LEU A 312 21.88 8.53 5.20
N GLY A 313 23.11 8.62 5.71
CA GLY A 313 24.25 9.25 4.99
C GLY A 313 25.47 8.33 4.89
N LYS A 318 30.88 3.38 3.27
CA LYS A 318 29.79 3.97 2.51
C LYS A 318 29.49 3.26 1.19
N LYS A 319 29.97 3.80 0.08
CA LYS A 319 29.73 3.20 -1.23
C LYS A 319 30.34 1.86 -1.65
N THR A 320 31.62 1.62 -1.42
CA THR A 320 32.26 0.41 -2.02
C THR A 320 31.92 -1.04 -1.74
N GLU A 321 31.84 -1.46 -0.48
CA GLU A 321 31.55 -2.87 -0.18
C GLU A 321 32.52 -3.83 -0.89
N VAL A 322 31.98 -4.69 -1.74
CA VAL A 322 32.77 -5.64 -2.50
C VAL A 322 33.56 -5.04 -3.67
N ASP A 323 34.62 -5.74 -4.10
CA ASP A 323 35.46 -5.30 -5.23
C ASP A 323 34.58 -5.29 -6.46
N LEU A 324 34.46 -4.13 -7.09
CA LEU A 324 33.53 -3.98 -8.21
C LEU A 324 34.24 -4.68 -9.37
N PRO A 325 33.52 -5.49 -10.16
CA PRO A 325 34.17 -6.07 -11.33
C PRO A 325 34.46 -5.02 -12.38
N ARG A 326 35.22 -5.47 -13.38
CA ARG A 326 35.67 -4.66 -14.52
C ARG A 326 34.52 -4.04 -15.29
N ASN A 327 33.46 -4.82 -15.51
CA ASN A 327 32.28 -4.42 -16.29
C ASN A 327 31.18 -3.67 -15.50
N ILE A 328 31.52 -3.11 -14.35
CA ILE A 328 30.58 -2.31 -13.55
C ILE A 328 31.32 -1.08 -13.04
N LEU A 329 30.95 0.10 -13.53
CA LEU A 329 31.60 1.31 -13.04
C LEU A 329 30.69 1.97 -11.99
N ASN A 330 31.17 2.02 -10.75
CA ASN A 330 30.51 2.81 -9.72
C ASN A 330 31.03 4.25 -9.82
N ILE A 331 30.12 5.17 -10.16
CA ILE A 331 30.39 6.60 -10.22
C ILE A 331 29.27 7.38 -9.53
N GLY A 332 29.61 8.57 -9.08
CA GLY A 332 28.70 9.42 -8.32
C GLY A 332 27.66 10.00 -9.21
N ASN A 333 27.36 11.28 -9.04
CA ASN A 333 26.44 11.95 -9.94
C ASN A 333 27.11 12.25 -11.30
N VAL A 334 26.38 11.86 -12.34
CA VAL A 334 26.63 12.20 -13.71
C VAL A 334 25.25 12.64 -14.22
N PRO A 335 25.10 13.89 -14.66
CA PRO A 335 23.76 14.32 -15.09
C PRO A 335 23.04 13.30 -16.00
N HIS A 336 21.82 12.92 -15.66
CA HIS A 336 21.11 11.90 -16.47
C HIS A 336 20.82 12.33 -17.90
N ASP A 337 20.47 13.61 -18.09
CA ASP A 337 20.28 14.17 -19.46
C ASP A 337 21.47 13.97 -20.38
N TRP A 338 22.67 13.89 -19.80
CA TRP A 338 23.88 13.45 -20.50
C TRP A 338 23.97 11.91 -20.66
N LEU A 339 23.74 11.19 -19.57
CA LEU A 339 24.01 9.75 -19.53
C LEU A 339 22.95 8.85 -20.18
N PHE A 340 21.68 9.22 -20.07
CA PHE A 340 20.62 8.37 -20.60
C PHE A 340 20.59 8.25 -22.14
N PRO A 341 20.90 9.32 -22.87
CA PRO A 341 21.14 9.15 -24.31
C PRO A 341 22.22 8.15 -24.66
N GLN A 342 23.25 8.01 -23.81
CA GLN A 342 24.42 7.17 -24.10
C GLN A 342 24.33 5.70 -23.76
N VAL A 343 23.23 5.29 -23.14
CA VAL A 343 23.10 3.95 -22.58
C VAL A 343 21.95 3.21 -23.31
N ASP A 344 21.83 1.91 -23.08
CA ASP A 344 20.78 1.10 -23.68
C ASP A 344 19.53 0.96 -22.83
N ALA A 345 19.66 0.98 -21.51
CA ALA A 345 18.51 0.93 -20.62
C ALA A 345 18.85 1.51 -19.28
N ALA A 346 17.80 1.77 -18.50
CA ALA A 346 17.93 2.36 -17.18
C ALA A 346 17.20 1.48 -16.19
N VAL A 347 17.85 1.24 -15.05
CA VAL A 347 17.25 0.63 -13.86
C VAL A 347 17.24 1.66 -12.74
N HIS A 348 16.07 2.11 -12.34
CA HIS A 348 16.02 3.07 -11.27
C HIS A 348 14.84 2.86 -10.31
N HIS A 349 14.84 3.66 -9.26
CA HIS A 349 13.79 3.69 -8.24
C HIS A 349 12.43 4.18 -8.75
N GLY A 350 12.40 4.97 -9.81
CA GLY A 350 11.14 5.27 -10.50
C GLY A 350 10.46 6.55 -10.07
N GLY A 351 11.23 7.43 -9.44
CA GLY A 351 10.76 8.75 -9.08
C GLY A 351 10.48 9.54 -10.34
N SER A 352 9.49 10.43 -10.27
CA SER A 352 8.90 11.05 -11.45
C SER A 352 9.91 11.67 -12.40
N GLY A 353 10.90 12.34 -11.81
CA GLY A 353 11.95 13.03 -12.54
C GLY A 353 12.91 12.08 -13.23
N THR A 354 13.41 11.10 -12.51
CA THR A 354 14.26 10.08 -13.09
C THR A 354 13.48 9.31 -14.16
N THR A 355 12.24 8.95 -13.86
CA THR A 355 11.35 8.34 -14.86
C THR A 355 11.27 9.23 -16.08
N GLY A 356 10.99 10.52 -15.84
CA GLY A 356 10.96 11.54 -16.89
C GLY A 356 12.24 11.65 -17.69
N ALA A 357 13.39 11.57 -17.03
CA ALA A 357 14.67 11.57 -17.69
C ALA A 357 14.85 10.38 -18.60
N SER A 358 14.53 9.19 -18.11
CA SER A 358 14.75 7.95 -18.89
C SER A 358 13.78 7.85 -20.05
N LEU A 359 12.55 8.29 -19.84
CA LEU A 359 11.55 8.32 -20.89
C LEU A 359 11.89 9.35 -21.95
N ARG A 360 12.39 10.51 -21.51
CA ARG A 360 12.90 11.55 -22.41
C ARG A 360 13.99 11.06 -23.32
N ALA A 361 14.95 10.34 -22.74
CA ALA A 361 16.00 9.66 -23.51
C ALA A 361 15.57 8.40 -24.29
N GLY A 362 14.30 8.03 -24.20
CA GLY A 362 13.78 6.86 -24.88
C GLY A 362 14.34 5.52 -24.41
N LEU A 363 14.81 5.46 -23.18
CA LEU A 363 15.31 4.22 -22.61
C LEU A 363 14.17 3.26 -22.24
N PRO A 364 14.37 1.94 -22.45
CA PRO A 364 13.55 0.96 -21.77
C PRO A 364 13.91 1.02 -20.31
N THR A 365 12.92 1.09 -19.43
CA THR A 365 13.17 1.40 -18.04
C THR A 365 12.68 0.27 -17.09
N VAL A 366 13.59 -0.25 -16.27
CA VAL A 366 13.26 -1.18 -15.21
C VAL A 366 13.11 -0.37 -13.92
N ILE A 367 12.03 -0.57 -13.18
CA ILE A 367 11.76 0.21 -11.97
C ILE A 367 11.60 -0.72 -10.77
N LYS A 368 12.26 -0.34 -9.68
CA LYS A 368 12.15 -1.01 -8.42
C LYS A 368 11.79 0.10 -7.43
N PRO A 369 10.49 0.32 -7.21
CA PRO A 369 10.06 1.42 -6.36
C PRO A 369 10.27 1.14 -4.88
N PHE A 370 10.48 2.20 -4.08
CA PHE A 370 10.66 2.09 -2.62
C PHE A 370 9.65 2.89 -1.81
N PHE A 371 9.61 4.21 -2.04
CA PHE A 371 8.74 5.14 -1.31
C PHE A 371 7.92 5.89 -2.36
N GLY A 372 6.66 6.13 -2.05
CA GLY A 372 5.87 7.19 -2.68
C GLY A 372 5.43 7.04 -4.11
N ASP A 373 5.71 8.04 -4.93
CA ASP A 373 5.26 8.04 -6.32
C ASP A 373 5.85 6.90 -7.11
N GLN A 374 7.05 6.51 -6.73
CA GLN A 374 7.76 5.45 -7.39
C GLN A 374 6.88 4.26 -7.79
N PHE A 375 5.98 3.86 -6.91
CA PHE A 375 5.08 2.74 -7.20
C PHE A 375 4.10 3.12 -8.30
N PHE A 376 3.67 4.39 -8.30
CA PHE A 376 2.82 4.91 -9.34
C PHE A 376 3.48 4.76 -10.69
N TYR A 377 4.72 5.22 -10.80
CA TYR A 377 5.41 5.25 -12.11
C TYR A 377 5.82 3.87 -12.56
N ALA A 378 6.11 3.00 -11.60
CA ALA A 378 6.41 1.58 -11.89
C ALA A 378 5.20 0.90 -12.56
N GLY A 379 4.01 1.27 -12.13
CA GLY A 379 2.79 0.79 -12.77
C GLY A 379 2.55 1.44 -14.10
N ARG A 380 2.81 2.75 -14.17
CA ARG A 380 2.63 3.53 -15.40
C ARG A 380 3.57 3.07 -16.52
N VAL A 381 4.83 2.80 -16.20
CA VAL A 381 5.79 2.30 -17.19
C VAL A 381 5.35 0.97 -17.79
N GLU A 382 4.83 0.08 -16.95
CA GLU A 382 4.29 -1.19 -17.42
C GLU A 382 3.07 -0.99 -18.32
N ASP A 383 2.15 -0.12 -17.91
CA ASP A 383 0.91 0.16 -18.66
C ASP A 383 1.19 0.69 -20.04
N ILE A 384 2.11 1.64 -20.12
CA ILE A 384 2.58 2.25 -21.38
C ILE A 384 3.32 1.24 -22.28
N GLY A 385 4.03 0.29 -21.69
CA GLY A 385 4.77 -0.73 -22.45
C GLY A 385 6.22 -0.38 -22.72
N VAL A 386 6.78 0.54 -21.93
CA VAL A 386 8.16 1.02 -22.08
C VAL A 386 9.10 0.48 -21.00
N GLY A 387 8.66 -0.52 -20.27
CA GLY A 387 9.51 -1.10 -19.22
C GLY A 387 8.87 -2.08 -18.27
N ILE A 388 9.66 -2.41 -17.24
CA ILE A 388 9.37 -3.49 -16.33
C ILE A 388 9.32 -2.87 -14.96
N ALA A 389 8.39 -3.39 -14.14
CA ALA A 389 8.27 -3.05 -12.73
C ALA A 389 8.67 -4.28 -11.97
N LEU A 390 9.79 -4.18 -11.26
CA LEU A 390 10.20 -5.21 -10.30
C LEU A 390 9.62 -4.98 -8.90
N LYS A 391 9.24 -6.08 -8.26
CA LYS A 391 8.71 -6.10 -6.90
C LYS A 391 9.84 -6.71 -6.11
N LYS A 392 10.14 -7.96 -6.40
CA LYS A 392 11.34 -8.61 -5.91
C LYS A 392 12.58 -8.12 -6.65
N LEU A 393 13.48 -7.49 -5.90
CA LEU A 393 14.85 -7.27 -6.36
C LEU A 393 15.79 -8.39 -5.86
N ASN A 394 15.94 -9.41 -6.67
CA ASN A 394 16.99 -10.41 -6.46
C ASN A 394 17.82 -10.45 -7.74
N ALA A 395 18.87 -11.26 -7.73
CA ALA A 395 19.68 -11.46 -8.94
C ALA A 395 18.87 -11.98 -10.14
N GLN A 396 17.90 -12.85 -9.92
CA GLN A 396 17.17 -13.49 -11.02
C GLN A 396 16.26 -12.47 -11.71
N THR A 397 15.34 -11.87 -10.95
CA THR A 397 14.39 -10.85 -11.46
C THR A 397 15.09 -9.70 -12.20
N LEU A 398 16.18 -9.19 -11.61
CA LEU A 398 16.99 -8.14 -12.25
C LEU A 398 17.71 -8.62 -13.50
N ALA A 399 18.39 -9.78 -13.42
CA ALA A 399 19.01 -10.38 -14.60
C ALA A 399 18.00 -10.48 -15.76
N ASP A 400 16.83 -11.02 -15.48
CA ASP A 400 15.75 -11.17 -16.49
C ASP A 400 15.19 -9.82 -16.97
N ALA A 401 15.07 -8.87 -16.06
CA ALA A 401 14.65 -7.54 -16.44
C ALA A 401 15.69 -6.89 -17.36
N LEU A 402 16.97 -7.02 -16.99
CA LEU A 402 18.06 -6.45 -17.77
C LEU A 402 18.07 -7.01 -19.19
N LYS A 403 17.88 -8.33 -19.31
CA LYS A 403 17.83 -9.02 -20.62
C LYS A 403 16.63 -8.61 -21.46
N VAL A 404 15.46 -8.53 -20.85
CA VAL A 404 14.28 -8.09 -21.59
C VAL A 404 14.50 -6.65 -22.05
N ALA A 405 14.80 -5.76 -21.11
CA ALA A 405 14.90 -4.32 -21.42
C ALA A 405 15.89 -4.02 -22.53
N THR A 406 17.04 -4.70 -22.49
CA THR A 406 18.11 -4.44 -23.44
C THR A 406 17.89 -5.09 -24.80
N THR A 407 17.04 -6.13 -24.85
CA THR A 407 16.75 -6.85 -26.10
C THR A 407 15.37 -6.58 -26.76
N ASN A 408 14.32 -6.38 -25.97
CA ASN A 408 12.96 -6.45 -26.49
C ASN A 408 12.71 -5.34 -27.48
N LYS A 409 12.47 -5.73 -28.72
CA LYS A 409 12.27 -4.78 -29.78
C LYS A 409 11.03 -3.90 -29.56
N ILE A 410 9.93 -4.48 -29.08
CA ILE A 410 8.70 -3.70 -28.94
C ILE A 410 8.85 -2.64 -27.82
N MET A 411 9.65 -2.96 -26.81
CA MET A 411 9.89 -2.06 -25.69
C MET A 411 10.75 -0.88 -26.14
N LYS A 412 11.78 -1.18 -26.95
CA LYS A 412 12.64 -0.14 -27.56
C LYS A 412 11.81 0.78 -28.44
N ASP A 413 10.93 0.18 -29.24
CA ASP A 413 10.03 0.92 -30.12
C ASP A 413 9.12 1.88 -29.35
N ARG A 414 8.40 1.35 -28.37
CA ARG A 414 7.49 2.20 -27.57
C ARG A 414 8.24 3.32 -26.84
N ALA A 415 9.39 2.98 -26.26
CA ALA A 415 10.28 3.97 -25.63
C ALA A 415 10.62 5.11 -26.60
N GLY A 416 10.86 4.74 -27.86
CA GLY A 416 11.06 5.67 -28.97
C GLY A 416 9.86 6.54 -29.26
N LEU A 417 8.67 5.96 -29.34
CA LEU A 417 7.46 6.75 -29.60
C LEU A 417 7.11 7.68 -28.44
N ILE A 418 7.51 7.33 -27.21
CA ILE A 418 7.37 8.22 -26.05
C ILE A 418 8.35 9.37 -26.16
N LYS A 419 9.60 9.03 -26.43
CA LYS A 419 10.69 9.99 -26.71
C LYS A 419 10.34 11.01 -27.77
N LYS A 420 9.60 10.58 -28.78
CA LYS A 420 9.11 11.47 -29.81
C LYS A 420 8.04 12.43 -29.25
N LYS A 421 7.10 11.91 -28.46
CA LYS A 421 6.02 12.74 -27.87
C LYS A 421 6.57 13.76 -26.88
N ILE A 422 7.36 13.26 -25.93
CA ILE A 422 8.11 14.10 -25.00
C ILE A 422 8.98 15.17 -25.71
N SER A 423 9.57 14.82 -26.85
CA SER A 423 10.43 15.79 -27.53
C SER A 423 9.66 16.96 -28.09
N LYS A 424 8.40 16.76 -28.50
CA LYS A 424 7.54 17.85 -28.99
C LYS A 424 6.74 18.55 -27.91
N GLU A 425 7.04 18.32 -26.64
CA GLU A 425 6.31 18.92 -25.52
C GLU A 425 7.11 20.06 -24.90
N ASP A 426 6.46 21.14 -24.51
CA ASP A 426 7.14 22.22 -23.79
C ASP A 426 6.48 22.47 -22.43
N GLY A 427 6.91 21.67 -21.46
CA GLY A 427 6.50 21.83 -20.06
C GLY A 427 6.60 23.24 -19.53
N ILE A 428 7.70 23.93 -19.82
CA ILE A 428 7.95 25.24 -19.21
C ILE A 428 7.01 26.25 -19.81
N LYS A 429 6.98 26.30 -21.13
CA LYS A 429 6.08 27.21 -21.86
C LYS A 429 4.67 26.97 -21.42
N THR A 430 4.20 25.73 -21.64
CA THR A 430 2.84 25.34 -21.34
C THR A 430 2.45 25.75 -19.91
N ALA A 431 3.34 25.53 -18.95
CA ALA A 431 3.10 25.90 -17.54
C ALA A 431 2.90 27.38 -17.42
N ILE A 432 3.86 28.15 -17.93
CA ILE A 432 3.82 29.63 -17.88
C ILE A 432 2.56 30.15 -18.56
N SER A 433 2.25 29.62 -19.75
CA SER A 433 0.99 29.89 -20.43
C SER A 433 -0.18 29.77 -19.46
N ALA A 434 -0.27 28.61 -18.81
CA ALA A 434 -1.31 28.34 -17.81
C ALA A 434 -1.26 29.29 -16.58
N ILE A 435 -0.07 29.52 -16.02
CA ILE A 435 0.10 30.44 -14.91
C ILE A 435 -0.51 31.78 -15.28
N TYR A 436 -0.36 32.18 -16.53
CA TYR A 436 -0.99 33.39 -17.07
C TYR A 436 -2.51 33.21 -17.28
N ASN A 437 -2.89 32.20 -18.08
CA ASN A 437 -4.31 31.88 -18.37
C ASN A 437 -5.13 31.88 -17.07
N GLU A 438 -4.64 31.14 -16.08
CA GLU A 438 -5.35 30.93 -14.82
C GLU A 438 -5.16 32.01 -13.76
N LEU A 439 -4.38 33.05 -14.02
CA LEU A 439 -3.98 33.95 -12.94
C LEU A 439 -5.17 34.64 -12.25
N GLU A 440 -6.13 35.15 -13.02
CA GLU A 440 -7.32 35.80 -12.45
C GLU A 440 -8.12 34.82 -11.61
N TYR A 441 -8.36 33.62 -12.15
CA TYR A 441 -8.99 32.51 -11.40
C TYR A 441 -8.24 32.19 -10.15
N ALA A 442 -6.94 32.01 -10.28
CA ALA A 442 -6.12 31.71 -9.14
C ALA A 442 -6.32 32.70 -7.99
N ARG A 443 -6.52 33.97 -8.33
CA ARG A 443 -6.85 35.01 -7.32
C ARG A 443 -8.20 34.77 -6.67
N SER A 444 -9.25 34.57 -7.48
CA SER A 444 -10.62 34.31 -6.95
C SER A 444 -10.73 33.11 -6.03
N VAL A 445 -10.00 32.04 -6.36
CA VAL A 445 -9.85 30.88 -5.48
C VAL A 445 -9.28 31.30 -4.13
N THR A 446 -8.21 32.08 -4.15
CA THR A 446 -7.62 32.56 -2.89
C THR A 446 -8.59 33.47 -2.16
N LEU A 447 -9.22 34.39 -2.88
CA LEU A 447 -10.13 35.36 -2.23
C LEU A 447 -11.44 34.76 -1.74
N SER A 448 -11.86 33.64 -2.33
CA SER A 448 -12.97 32.83 -1.80
C SER A 448 -12.64 32.30 -0.41
N ARG A 449 -11.39 31.88 -0.16
CA ARG A 449 -10.96 31.48 1.20
C ARG A 449 -10.80 32.63 2.23
N VAL A 450 -10.48 33.83 1.76
CA VAL A 450 -10.26 34.98 2.64
C VAL A 450 -11.53 35.36 3.40
N LYS A 451 -11.33 35.91 4.61
CA LYS A 451 -12.30 36.74 5.37
C LYS A 451 -12.78 36.01 6.61
N ASN B 17 -18.16 -23.46 37.80
CA ASN B 17 -19.18 -24.40 37.24
C ASN B 17 -20.40 -23.78 36.51
N LYS B 18 -20.31 -22.52 36.09
CA LYS B 18 -21.38 -21.87 35.30
C LYS B 18 -21.30 -22.33 33.85
N SER B 19 -22.44 -22.25 33.14
CA SER B 19 -22.48 -22.44 31.68
C SER B 19 -22.61 -21.09 30.98
N TYR B 20 -21.52 -20.50 30.50
CA TYR B 20 -21.63 -19.13 29.95
C TYR B 20 -22.38 -19.03 28.63
N LYS B 21 -23.21 -17.97 28.55
CA LYS B 21 -23.93 -17.59 27.33
C LYS B 21 -22.94 -16.78 26.50
N PHE B 22 -22.46 -17.36 25.38
CA PHE B 22 -21.42 -16.77 24.54
C PHE B 22 -22.02 -16.06 23.36
N GLY B 23 -21.35 -15.01 22.92
CA GLY B 23 -21.70 -14.31 21.70
C GLY B 23 -20.50 -14.23 20.79
N LEU B 24 -20.56 -14.97 19.69
CA LEU B 24 -19.49 -14.98 18.71
C LEU B 24 -19.94 -14.17 17.53
N LEU B 25 -19.35 -12.98 17.38
CA LEU B 25 -19.80 -11.99 16.40
C LEU B 25 -18.70 -11.81 15.38
N THR B 26 -19.09 -11.85 14.10
CA THR B 26 -18.17 -11.65 12.99
C THR B 26 -18.91 -11.23 11.73
N ILE B 27 -18.25 -10.35 10.98
CA ILE B 27 -18.69 -9.94 9.67
C ILE B 27 -17.80 -10.59 8.59
N GLY B 28 -18.16 -10.38 7.34
CA GLY B 28 -17.41 -10.91 6.25
C GLY B 28 -17.91 -12.21 5.68
N SER B 29 -16.94 -13.03 5.28
CA SER B 29 -17.16 -14.14 4.39
C SER B 29 -17.30 -15.45 5.16
N ARG B 30 -17.60 -16.52 4.43
CA ARG B 30 -17.78 -17.86 5.00
C ARG B 30 -16.49 -18.32 5.66
N GLY B 31 -15.36 -17.99 5.04
CA GLY B 31 -14.06 -18.25 5.64
C GLY B 31 -13.83 -17.62 7.00
N ASP B 32 -14.41 -16.45 7.24
CA ASP B 32 -14.32 -15.75 8.51
C ASP B 32 -15.28 -16.35 9.52
N VAL B 33 -16.45 -16.76 9.06
CA VAL B 33 -17.51 -17.33 9.92
C VAL B 33 -17.06 -18.68 10.48
N GLN B 34 -16.49 -19.50 9.61
CA GLN B 34 -16.11 -20.87 9.91
C GLN B 34 -15.32 -21.12 11.21
N PRO B 35 -14.21 -20.42 11.43
CA PRO B 35 -13.49 -20.74 12.66
C PRO B 35 -14.31 -20.54 13.96
N TYR B 36 -15.21 -19.57 13.97
CA TYR B 36 -16.14 -19.39 15.11
C TYR B 36 -17.08 -20.58 15.25
N ILE B 37 -17.50 -21.19 14.15
CA ILE B 37 -18.27 -22.45 14.23
C ILE B 37 -17.42 -23.50 14.93
N ALA B 38 -16.17 -23.63 14.52
CA ALA B 38 -15.25 -24.54 15.18
C ALA B 38 -15.12 -24.22 16.65
N LEU B 39 -14.82 -22.96 16.98
CA LEU B 39 -14.72 -22.53 18.39
C LEU B 39 -16.02 -22.70 19.15
N GLY B 40 -17.12 -22.45 18.47
CA GLY B 40 -18.47 -22.56 19.03
C GLY B 40 -18.85 -23.98 19.38
N LYS B 41 -18.47 -24.95 18.55
CA LYS B 41 -18.63 -26.35 18.87
C LYS B 41 -17.84 -26.74 20.10
N GLY B 42 -16.58 -26.35 20.15
CA GLY B 42 -15.72 -26.64 21.29
C GLY B 42 -16.25 -26.00 22.56
N LEU B 43 -16.78 -24.78 22.43
CA LEU B 43 -17.42 -24.13 23.56
C LEU B 43 -18.68 -24.91 24.01
N ILE B 44 -19.43 -25.42 23.06
CA ILE B 44 -20.62 -26.22 23.38
C ILE B 44 -20.19 -27.51 24.08
N LYS B 45 -19.24 -28.26 23.52
CA LYS B 45 -18.65 -29.45 24.19
C LYS B 45 -18.06 -29.20 25.59
N GLU B 46 -17.79 -27.94 25.95
CA GLU B 46 -17.48 -27.52 27.33
C GLU B 46 -18.70 -27.17 28.19
N GLY B 47 -19.89 -27.34 27.65
CA GLY B 47 -21.11 -27.07 28.39
C GLY B 47 -21.59 -25.64 28.37
N HIS B 48 -21.10 -24.86 27.43
CA HIS B 48 -21.54 -23.50 27.32
C HIS B 48 -22.57 -23.44 26.22
N GLN B 49 -23.12 -22.25 26.05
CA GLN B 49 -24.12 -21.92 25.07
C GLN B 49 -23.46 -20.92 24.13
N VAL B 50 -23.76 -20.99 22.85
CA VAL B 50 -23.04 -20.24 21.83
C VAL B 50 -24.02 -19.68 20.80
N VAL B 51 -23.90 -18.41 20.50
CA VAL B 51 -24.62 -17.83 19.39
C VAL B 51 -23.57 -17.18 18.52
N ILE B 52 -23.45 -17.70 17.30
CA ILE B 52 -22.78 -16.98 16.25
C ILE B 52 -23.74 -15.89 15.70
N ILE B 53 -23.22 -14.68 15.61
CA ILE B 53 -23.95 -13.47 15.26
C ILE B 53 -23.29 -12.94 13.99
N THR B 54 -23.95 -13.09 12.85
CA THR B 54 -23.34 -12.79 11.55
C THR B 54 -24.43 -12.63 10.44
N HIS B 55 -24.04 -12.60 9.17
CA HIS B 55 -24.95 -12.22 8.08
C HIS B 55 -25.83 -13.39 7.70
N SER B 56 -27.03 -13.08 7.20
CA SER B 56 -28.09 -14.06 6.95
C SER B 56 -27.58 -15.25 6.17
N GLU B 57 -26.74 -15.03 5.18
CA GLU B 57 -26.33 -16.12 4.29
C GLU B 57 -25.69 -17.28 5.02
N PHE B 58 -25.21 -17.01 6.22
CA PHE B 58 -24.55 -18.07 7.00
C PHE B 58 -25.44 -18.72 8.06
N ARG B 59 -26.75 -18.51 7.98
CA ARG B 59 -27.68 -19.11 8.95
C ARG B 59 -27.72 -20.63 8.86
N ASP B 60 -27.99 -21.14 7.65
CA ASP B 60 -27.90 -22.59 7.36
C ASP B 60 -26.56 -23.18 7.73
N PHE B 61 -25.50 -22.49 7.37
CA PHE B 61 -24.14 -22.94 7.69
C PHE B 61 -24.00 -23.16 9.20
N VAL B 62 -24.26 -22.10 9.97
CA VAL B 62 -24.16 -22.14 11.45
C VAL B 62 -25.11 -23.15 12.11
N GLU B 63 -26.36 -23.11 11.71
CA GLU B 63 -27.39 -23.96 12.32
C GLU B 63 -27.19 -25.41 11.96
N SER B 64 -26.61 -25.69 10.80
CA SER B 64 -26.25 -27.08 10.39
C SER B 64 -25.20 -27.74 11.25
N HIS B 65 -24.49 -26.97 12.03
CA HIS B 65 -23.52 -27.46 12.99
C HIS B 65 -24.05 -27.34 14.40
N GLY B 66 -25.37 -27.33 14.52
CA GLY B 66 -26.07 -27.23 15.78
C GLY B 66 -25.58 -26.10 16.64
N ILE B 67 -25.54 -24.89 16.07
CA ILE B 67 -25.17 -23.66 16.80
C ILE B 67 -26.18 -22.61 16.47
N GLN B 68 -26.43 -21.69 17.38
CA GLN B 68 -27.46 -20.65 17.19
C GLN B 68 -26.97 -19.41 16.40
N PHE B 69 -27.91 -18.85 15.63
CA PHE B 69 -27.62 -17.76 14.70
C PHE B 69 -28.32 -16.48 15.11
N GLU B 70 -27.71 -15.34 14.88
CA GLU B 70 -28.42 -14.06 14.94
C GLU B 70 -27.98 -13.16 13.77
N GLU B 71 -28.95 -12.71 12.97
CA GLU B 71 -28.62 -11.81 11.87
C GLU B 71 -28.12 -10.44 12.37
N ILE B 72 -27.10 -9.97 11.69
CA ILE B 72 -26.55 -8.65 11.86
C ILE B 72 -26.16 -8.16 10.47
N ALA B 73 -26.09 -6.84 10.35
CA ALA B 73 -25.74 -6.19 9.10
C ALA B 73 -24.23 -6.00 9.00
N GLY B 74 -23.80 -5.10 8.14
CA GLY B 74 -22.38 -4.86 8.00
C GLY B 74 -21.67 -5.82 7.08
N ASN B 75 -22.42 -6.51 6.23
CA ASN B 75 -21.80 -7.38 5.24
C ASN B 75 -20.85 -6.54 4.38
N PRO B 76 -19.56 -6.91 4.33
CA PRO B 76 -18.63 -6.26 3.41
C PRO B 76 -19.03 -6.35 1.94
N VAL B 77 -19.70 -7.41 1.51
CA VAL B 77 -20.09 -7.53 0.12
C VAL B 77 -21.02 -6.37 -0.33
N GLU B 78 -21.74 -5.77 0.60
CA GLU B 78 -22.55 -4.56 0.31
C GLU B 78 -21.69 -3.30 0.08
N LEU B 79 -20.50 -3.24 0.66
CA LEU B 79 -19.53 -2.17 0.31
C LEU B 79 -18.90 -2.34 -1.10
N MET B 80 -18.43 -3.55 -1.41
CA MET B 80 -17.89 -3.90 -2.73
C MET B 80 -18.77 -3.41 -3.88
N SER B 81 -20.09 -3.52 -3.70
CA SER B 81 -21.11 -3.01 -4.66
C SER B 81 -20.78 -1.70 -5.35
N LEU B 82 -20.36 -0.72 -4.56
CA LEU B 82 -19.81 0.54 -5.09
C LEU B 82 -18.45 0.30 -5.80
N MET B 83 -17.46 -0.14 -5.01
CA MET B 83 -16.06 -0.30 -5.47
C MET B 83 -15.93 -1.56 -6.32
N MET B 93 -23.05 9.06 -7.33
CA MET B 93 -22.67 7.69 -6.92
C MET B 93 -21.27 7.59 -6.25
N LEU B 94 -20.41 8.58 -6.45
CA LEU B 94 -19.32 8.89 -5.53
C LEU B 94 -19.91 9.41 -4.19
N ARG B 95 -20.91 10.28 -4.31
CA ARG B 95 -21.58 10.86 -3.15
C ARG B 95 -22.59 9.84 -2.62
N GLU B 96 -23.56 9.48 -3.47
CA GLU B 96 -24.57 8.47 -3.11
C GLU B 96 -23.96 7.21 -2.43
N ALA B 97 -22.67 6.96 -2.72
CA ALA B 97 -21.80 6.06 -1.95
C ALA B 97 -21.78 6.33 -0.45
N SER B 98 -21.18 7.46 -0.04
CA SER B 98 -20.89 7.68 1.40
C SER B 98 -22.10 7.77 2.32
N SER B 99 -23.29 8.07 1.80
CA SER B 99 -24.52 7.85 2.55
C SER B 99 -24.71 6.34 2.76
N LYS B 100 -24.62 5.58 1.67
CA LYS B 100 -24.76 4.11 1.74
C LYS B 100 -23.76 3.44 2.69
N PHE B 101 -22.53 3.97 2.78
CA PHE B 101 -21.54 3.55 3.79
C PHE B 101 -21.96 3.99 5.17
N ARG B 102 -22.37 5.25 5.30
CA ARG B 102 -22.77 5.82 6.59
C ARG B 102 -23.98 5.09 7.12
N GLY B 103 -24.83 4.64 6.20
CA GLY B 103 -25.99 3.80 6.49
C GLY B 103 -25.63 2.35 6.71
N TRP B 104 -24.68 1.84 5.94
CA TRP B 104 -24.11 0.50 6.16
C TRP B 104 -23.63 0.31 7.58
N ILE B 105 -22.85 1.29 8.07
CA ILE B 105 -22.35 1.23 9.44
C ILE B 105 -23.53 1.24 10.41
N ASP B 106 -24.44 2.19 10.22
CA ASP B 106 -25.62 2.32 11.07
C ASP B 106 -26.35 1.01 11.26
N ALA B 107 -26.60 0.32 10.14
CA ALA B 107 -27.29 -0.96 10.18
C ALA B 107 -26.62 -1.95 11.14
N LEU B 108 -25.30 -2.08 11.01
CA LEU B 108 -24.52 -2.97 11.85
C LEU B 108 -24.61 -2.55 13.31
N LEU B 109 -24.48 -1.25 13.57
CA LEU B 109 -24.55 -0.72 14.94
C LEU B 109 -25.89 -1.09 15.62
N GLN B 110 -27.00 -0.89 14.89
CA GLN B 110 -28.33 -1.05 15.44
C GLN B 110 -28.75 -2.50 15.53
N THR B 111 -28.35 -3.32 14.55
CA THR B 111 -28.68 -4.76 14.54
C THR B 111 -27.88 -5.51 15.60
N SER B 112 -26.58 -5.27 15.65
CA SER B 112 -25.74 -5.93 16.64
C SER B 112 -26.13 -5.54 18.06
N TRP B 113 -26.46 -4.27 18.29
CA TRP B 113 -26.95 -3.86 19.60
C TRP B 113 -28.22 -4.62 19.96
N GLU B 114 -29.19 -4.56 19.06
CA GLU B 114 -30.49 -5.21 19.22
C GLU B 114 -30.33 -6.68 19.57
N VAL B 115 -29.39 -7.36 18.90
CA VAL B 115 -29.07 -8.77 19.17
C VAL B 115 -28.41 -8.97 20.55
N CYS B 116 -27.26 -8.33 20.76
CA CYS B 116 -26.52 -8.45 22.03
C CYS B 116 -27.31 -7.97 23.26
N ASN B 117 -28.17 -6.97 23.05
CA ASN B 117 -28.98 -6.39 24.12
C ASN B 117 -30.19 -7.29 24.48
N ARG B 118 -30.84 -7.83 23.46
CA ARG B 118 -31.91 -8.82 23.64
C ARG B 118 -31.41 -10.11 24.25
N ARG B 119 -30.26 -10.59 23.79
CA ARG B 119 -29.70 -11.84 24.27
C ARG B 119 -29.11 -11.76 25.67
N LYS B 120 -28.45 -10.65 26.00
CA LYS B 120 -27.69 -10.51 27.25
C LYS B 120 -26.70 -11.65 27.44
N PHE B 121 -25.74 -11.72 26.53
CA PHE B 121 -24.68 -12.71 26.61
C PHE B 121 -23.78 -12.40 27.82
N ASP B 122 -23.16 -13.44 28.36
CA ASP B 122 -22.21 -13.33 29.46
C ASP B 122 -20.87 -12.85 28.94
N ILE B 123 -20.38 -13.51 27.89
CA ILE B 123 -19.12 -13.19 27.27
C ILE B 123 -19.41 -12.88 25.85
N LEU B 124 -18.77 -11.85 25.28
CA LEU B 124 -18.77 -11.60 23.81
C LEU B 124 -17.37 -11.72 23.23
N ILE B 125 -17.26 -12.41 22.11
CA ILE B 125 -15.99 -12.54 21.36
C ILE B 125 -16.27 -12.04 19.95
N GLU B 126 -15.39 -11.18 19.45
CA GLU B 126 -15.64 -10.41 18.24
C GLU B 126 -14.45 -10.40 17.30
N SER B 127 -14.73 -10.52 16.00
CA SER B 127 -13.76 -10.09 14.98
C SER B 127 -13.70 -8.55 14.98
N PRO B 128 -12.56 -7.94 15.36
CA PRO B 128 -12.50 -6.49 15.48
C PRO B 128 -12.95 -5.74 14.26
N SER B 129 -12.96 -6.39 13.13
CA SER B 129 -13.40 -5.76 11.90
C SER B 129 -14.83 -5.25 12.09
N ALA B 130 -15.59 -5.95 12.90
CA ALA B 130 -16.92 -5.52 13.24
C ALA B 130 -16.59 -4.53 14.33
N MET B 131 -17.01 -3.31 14.15
CA MET B 131 -16.69 -2.22 15.05
C MET B 131 -17.24 -2.21 16.48
N VAL B 132 -18.46 -2.66 16.62
CA VAL B 132 -19.25 -2.62 17.85
C VAL B 132 -18.91 -3.31 19.18
N GLY B 133 -18.34 -4.50 19.13
CA GLY B 133 -18.22 -5.28 20.36
C GLY B 133 -17.65 -4.55 21.54
N ILE B 134 -16.63 -3.72 21.32
CA ILE B 134 -15.99 -3.03 22.46
C ILE B 134 -16.93 -2.04 23.15
N HIS B 135 -17.84 -1.48 22.35
CA HIS B 135 -18.79 -0.46 22.82
C HIS B 135 -20.01 -1.15 23.42
N ILE B 136 -20.52 -2.18 22.73
CA ILE B 136 -21.60 -2.99 23.28
C ILE B 136 -21.19 -3.58 24.63
N THR B 137 -20.03 -4.22 24.68
CA THR B 137 -19.61 -4.87 25.93
C THR B 137 -19.39 -3.87 27.07
N GLU B 138 -19.06 -2.63 26.72
CA GLU B 138 -19.00 -1.54 27.67
C GLU B 138 -20.38 -1.21 28.26
N ALA B 139 -21.39 -1.13 27.38
CA ALA B 139 -22.78 -0.86 27.79
C ALA B 139 -23.35 -2.01 28.59
N LEU B 140 -23.16 -3.25 28.10
CA LEU B 140 -23.68 -4.44 28.80
C LEU B 140 -22.80 -4.86 29.97
N GLN B 141 -21.63 -4.25 30.13
CA GLN B 141 -20.75 -4.50 31.27
C GLN B 141 -20.40 -5.96 31.40
N ILE B 142 -20.03 -6.56 30.30
CA ILE B 142 -19.73 -7.99 30.24
C ILE B 142 -18.31 -8.16 29.75
N PRO B 143 -17.63 -9.24 30.14
CA PRO B 143 -16.28 -9.46 29.64
C PRO B 143 -16.28 -9.60 28.12
N TYR B 144 -15.13 -9.32 27.51
CA TYR B 144 -15.04 -9.12 26.06
C TYR B 144 -13.67 -9.53 25.50
N PHE B 145 -13.70 -10.39 24.48
CA PHE B 145 -12.49 -10.82 23.80
C PHE B 145 -12.54 -10.38 22.34
N ARG B 146 -11.37 -10.26 21.75
CA ARG B 146 -11.26 -10.08 20.32
C ARG B 146 -10.54 -11.27 19.76
N ALA B 147 -10.82 -11.56 18.51
CA ALA B 147 -10.25 -12.70 17.86
C ALA B 147 -10.14 -12.43 16.39
N PHE B 148 -8.98 -12.71 15.82
CA PHE B 148 -8.74 -12.41 14.42
C PHE B 148 -7.62 -13.23 13.81
N THR B 149 -7.47 -13.09 12.50
CA THR B 149 -6.71 -13.99 11.68
C THR B 149 -5.63 -13.29 10.85
N MET B 150 -5.25 -12.10 11.30
CA MET B 150 -4.34 -11.19 10.59
C MET B 150 -3.94 -10.09 11.57
N PRO B 151 -2.73 -9.53 11.45
CA PRO B 151 -2.23 -8.52 12.39
C PRO B 151 -3.19 -7.33 12.59
N TRP B 152 -3.53 -7.09 13.85
CA TRP B 152 -4.45 -6.03 14.24
C TRP B 152 -4.16 -5.47 15.64
N THR B 153 -2.97 -5.74 16.17
CA THR B 153 -2.50 -5.19 17.43
C THR B 153 -1.18 -4.50 17.16
N ARG B 154 -0.78 -3.60 18.03
CA ARG B 154 0.44 -2.84 17.82
C ARG B 154 1.66 -3.72 18.02
N THR B 155 2.51 -3.79 17.00
CA THR B 155 3.71 -4.62 17.04
C THR B 155 4.75 -4.08 16.08
N ARG B 156 6.02 -4.18 16.46
CA ARG B 156 7.13 -3.91 15.54
C ARG B 156 7.28 -5.04 14.53
N ALA B 157 6.84 -6.24 14.89
CA ALA B 157 7.17 -7.44 14.14
C ALA B 157 6.25 -7.71 12.95
N TYR B 158 5.09 -7.03 12.90
CA TYR B 158 4.18 -7.13 11.75
C TYR B 158 3.52 -5.80 11.47
N PRO B 159 3.32 -5.47 10.18
CA PRO B 159 2.55 -4.26 9.89
C PRO B 159 1.11 -4.59 10.07
N HIS B 160 0.27 -3.57 10.04
CA HIS B 160 -1.16 -3.77 10.01
C HIS B 160 -1.55 -4.53 8.75
N ALA B 161 -2.57 -5.36 8.84
CA ALA B 161 -2.97 -6.21 7.71
C ALA B 161 -3.36 -5.40 6.47
N PHE B 162 -4.13 -4.35 6.68
CA PHE B 162 -4.51 -3.42 5.61
C PHE B 162 -3.51 -2.31 5.22
N ILE B 163 -2.30 -2.31 5.79
CA ILE B 163 -1.23 -1.42 5.32
C ILE B 163 0.08 -2.22 5.16
N VAL B 164 -0.03 -3.39 4.50
CA VAL B 164 1.11 -4.29 4.30
C VAL B 164 1.95 -3.71 3.16
N PRO B 165 3.23 -3.42 3.42
CA PRO B 165 4.05 -2.81 2.39
C PRO B 165 4.49 -3.77 1.28
N ASP B 166 5.03 -3.17 0.22
CA ASP B 166 5.55 -3.87 -0.95
C ASP B 166 6.76 -4.73 -0.61
N GLN B 167 7.62 -4.14 0.20
CA GLN B 167 8.90 -4.70 0.61
C GLN B 167 8.84 -4.70 2.13
N LYS B 168 9.49 -5.66 2.78
CA LYS B 168 9.60 -5.60 4.23
C LYS B 168 10.30 -4.30 4.55
N ARG B 169 9.54 -3.36 5.14
CA ARG B 169 10.10 -2.14 5.71
C ARG B 169 10.43 -2.40 7.18
N GLY B 170 10.91 -1.37 7.87
CA GLY B 170 11.36 -1.52 9.25
C GLY B 170 10.31 -2.00 10.23
N GLY B 171 10.78 -2.36 11.40
CA GLY B 171 9.89 -2.67 12.51
C GLY B 171 9.19 -1.44 13.04
N ASN B 172 9.83 -0.27 12.94
CA ASN B 172 9.13 0.97 13.33
C ASN B 172 8.06 1.35 12.31
N TYR B 173 8.32 1.09 11.02
CA TYR B 173 7.29 1.18 9.99
C TYR B 173 6.07 0.36 10.40
N ASN B 174 6.30 -0.93 10.62
CA ASN B 174 5.25 -1.83 11.10
C ASN B 174 4.40 -1.21 12.21
N TYR B 175 5.04 -0.87 13.32
CA TYR B 175 4.35 -0.32 14.48
C TYR B 175 3.45 0.85 14.05
N LEU B 176 4.04 1.79 13.30
CA LEU B 176 3.33 2.98 12.83
C LEU B 176 2.09 2.68 11.95
N THR B 177 2.19 1.66 11.10
CA THR B 177 1.05 1.31 10.26
C THR B 177 -0.16 0.99 11.15
N HIS B 178 0.05 0.26 12.24
CA HIS B 178 -1.01 0.05 13.22
C HIS B 178 -1.46 1.42 13.73
N VAL B 179 -0.53 2.23 14.23
CA VAL B 179 -0.88 3.52 14.88
C VAL B 179 -1.75 4.35 13.95
N LEU B 180 -1.32 4.41 12.68
CA LEU B 180 -2.10 5.02 11.62
C LEU B 180 -3.47 4.36 11.47
N PHE B 181 -3.49 3.06 11.19
CA PHE B 181 -4.77 2.39 10.95
C PHE B 181 -5.74 2.59 12.12
N GLU B 182 -5.25 2.48 13.34
CA GLU B 182 -6.11 2.66 14.51
C GLU B 182 -6.79 4.03 14.46
N ASN B 183 -6.03 5.08 14.19
CA ASN B 183 -6.58 6.43 14.08
C ASN B 183 -7.47 6.62 12.87
N VAL B 184 -7.01 6.22 11.70
CA VAL B 184 -7.83 6.32 10.47
C VAL B 184 -9.13 5.51 10.61
N PHE B 185 -9.04 4.25 11.01
CA PHE B 185 -10.21 3.42 11.20
C PHE B 185 -11.15 3.98 12.28
N TRP B 186 -10.61 4.61 13.32
CA TRP B 186 -11.46 5.22 14.35
C TRP B 186 -12.10 6.49 13.83
N LYS B 187 -11.26 7.40 13.35
CA LYS B 187 -11.72 8.71 12.89
C LYS B 187 -12.79 8.62 11.80
N GLY B 188 -12.69 7.61 10.95
CA GLY B 188 -13.70 7.34 9.93
C GLY B 188 -15.08 7.02 10.48
N ILE B 189 -15.13 6.37 11.64
CA ILE B 189 -16.40 6.00 12.27
C ILE B 189 -16.70 6.74 13.57
N SER B 190 -15.75 7.51 14.10
CA SER B 190 -15.85 8.00 15.49
C SER B 190 -17.12 8.80 15.75
N GLY B 191 -17.46 9.70 14.82
CA GLY B 191 -18.63 10.55 14.93
C GLY B 191 -19.93 9.76 15.02
N GLN B 192 -20.00 8.67 14.28
CA GLN B 192 -21.21 7.84 14.20
C GLN B 192 -21.36 7.00 15.46
N VAL B 193 -20.28 6.30 15.79
CA VAL B 193 -20.22 5.41 16.93
C VAL B 193 -20.47 6.18 18.23
N ASN B 194 -19.89 7.37 18.36
CA ASN B 194 -20.15 8.19 19.54
C ASN B 194 -21.61 8.67 19.62
N LYS B 195 -22.24 8.95 18.48
CA LYS B 195 -23.68 9.24 18.46
C LYS B 195 -24.46 8.01 18.92
N TRP B 196 -24.23 6.88 18.25
CA TRP B 196 -24.81 5.57 18.63
C TRP B 196 -24.57 5.21 20.09
N ARG B 197 -23.35 5.46 20.58
CA ARG B 197 -23.01 5.23 21.98
C ARG B 197 -23.89 6.06 22.91
N VAL B 198 -23.91 7.36 22.66
CA VAL B 198 -24.66 8.32 23.47
C VAL B 198 -26.19 8.10 23.37
N GLU B 199 -26.67 8.03 22.14
CA GLU B 199 -28.09 7.91 21.83
C GLU B 199 -28.64 6.52 22.15
N THR B 200 -28.09 5.50 21.50
CA THR B 200 -28.62 4.13 21.57
C THR B 200 -28.03 3.28 22.71
N LEU B 201 -26.75 3.44 23.02
CA LEU B 201 -26.10 2.64 24.09
C LEU B 201 -26.21 3.27 25.46
N GLY B 202 -26.40 4.59 25.52
CA GLY B 202 -26.51 5.30 26.80
C GLY B 202 -25.19 5.31 27.54
N LEU B 203 -24.16 5.75 26.84
CA LEU B 203 -22.79 5.79 27.33
C LEU B 203 -22.26 7.16 27.01
N GLY B 204 -21.08 7.46 27.52
CA GLY B 204 -20.36 8.66 27.13
C GLY B 204 -19.90 8.53 25.70
N LYS B 205 -19.28 9.62 25.22
CA LYS B 205 -18.47 9.57 24.02
C LYS B 205 -17.13 8.97 24.45
N THR B 206 -16.37 8.49 23.48
CA THR B 206 -15.06 7.92 23.75
C THR B 206 -14.11 8.28 22.60
N ASN B 207 -12.87 7.91 22.80
CA ASN B 207 -11.83 8.07 21.79
C ASN B 207 -10.81 6.98 22.03
N LEU B 208 -9.83 6.86 21.14
CA LEU B 208 -8.85 5.80 21.24
C LEU B 208 -8.17 5.75 22.58
N PHE B 209 -7.88 6.90 23.17
CA PHE B 209 -7.25 6.93 24.50
C PHE B 209 -8.10 6.18 25.51
N LEU B 210 -9.37 6.57 25.60
CA LEU B 210 -10.30 5.98 26.55
C LEU B 210 -10.68 4.53 26.23
N LEU B 211 -10.80 4.20 24.94
CA LEU B 211 -11.08 2.83 24.53
C LEU B 211 -10.00 1.89 25.01
N GLN B 212 -8.75 2.35 25.02
CA GLN B 212 -7.63 1.51 25.42
C GLN B 212 -7.74 0.13 24.74
N GLN B 213 -7.94 0.14 23.41
CA GLN B 213 -8.20 -1.09 22.63
C GLN B 213 -7.16 -2.16 22.85
N ASN B 214 -5.90 -1.77 23.04
CA ASN B 214 -4.82 -2.76 23.11
C ASN B 214 -4.92 -3.62 24.36
N ASN B 215 -5.53 -3.09 25.44
CA ASN B 215 -5.85 -3.87 26.66
C ASN B 215 -6.73 -5.10 26.48
N VAL B 216 -7.56 -5.11 25.44
CA VAL B 216 -8.52 -6.18 25.22
C VAL B 216 -7.80 -7.49 24.91
N PRO B 217 -8.16 -8.60 25.60
CA PRO B 217 -7.54 -9.86 25.25
C PRO B 217 -7.84 -10.26 23.83
N PHE B 218 -6.84 -10.78 23.15
CA PHE B 218 -6.87 -10.96 21.70
C PHE B 218 -6.39 -12.37 21.31
N LEU B 219 -7.30 -13.14 20.73
CA LEU B 219 -7.00 -14.48 20.27
C LEU B 219 -6.75 -14.43 18.77
N TYR B 220 -5.51 -14.67 18.37
CA TYR B 220 -5.17 -14.77 16.96
C TYR B 220 -5.33 -16.21 16.55
N ASN B 221 -6.41 -16.49 15.82
CA ASN B 221 -6.72 -17.87 15.39
C ASN B 221 -5.97 -18.26 14.13
N VAL B 222 -4.66 -18.42 14.34
CA VAL B 222 -3.67 -18.68 13.32
C VAL B 222 -2.59 -19.51 13.97
N SER B 223 -1.98 -20.40 13.19
CA SER B 223 -0.82 -21.17 13.65
C SER B 223 0.30 -20.22 14.00
N PRO B 224 1.01 -20.49 15.11
CA PRO B 224 2.19 -19.67 15.34
C PRO B 224 3.38 -20.05 14.45
N THR B 225 3.28 -21.14 13.68
CA THR B 225 4.28 -21.43 12.66
C THR B 225 4.31 -20.37 11.59
N ILE B 226 3.12 -20.02 11.08
CA ILE B 226 2.96 -18.96 10.08
C ILE B 226 2.89 -17.57 10.71
N PHE B 227 2.36 -17.46 11.92
CA PHE B 227 2.18 -16.14 12.60
C PHE B 227 2.74 -16.17 14.03
N PRO B 228 4.08 -16.36 14.16
CA PRO B 228 4.69 -16.49 15.49
C PRO B 228 4.53 -15.23 16.33
N PRO B 229 4.08 -15.37 17.60
CA PRO B 229 3.74 -14.18 18.39
C PRO B 229 4.98 -13.34 18.61
N SER B 230 4.85 -12.03 18.48
CA SER B 230 5.98 -11.14 18.65
C SER B 230 6.38 -11.03 20.11
N ILE B 231 7.67 -10.76 20.33
CA ILE B 231 8.22 -10.42 21.65
C ILE B 231 7.40 -9.31 22.34
N ASP B 232 6.91 -8.34 21.56
CA ASP B 232 6.17 -7.19 22.09
C ASP B 232 4.65 -7.32 22.12
N PHE B 233 4.13 -8.53 21.90
CA PHE B 233 2.73 -8.85 22.23
C PHE B 233 2.57 -8.81 23.77
N SER B 234 1.52 -8.14 24.29
CA SER B 234 1.13 -8.29 25.71
C SER B 234 0.62 -9.71 25.88
N GLU B 235 0.82 -10.37 27.01
CA GLU B 235 0.37 -11.79 27.03
C GLU B 235 -1.13 -11.99 27.27
N TRP B 236 -1.96 -10.94 27.20
CA TRP B 236 -3.41 -11.14 26.87
C TRP B 236 -3.72 -11.30 25.36
N VAL B 237 -2.72 -11.06 24.52
CA VAL B 237 -2.75 -11.31 23.09
C VAL B 237 -2.04 -12.64 22.84
N ARG B 238 -2.80 -13.64 22.40
CA ARG B 238 -2.31 -15.00 22.16
C ARG B 238 -2.55 -15.53 20.77
N VAL B 239 -1.55 -16.19 20.21
CA VAL B 239 -1.65 -16.87 18.94
C VAL B 239 -2.00 -18.32 19.25
N THR B 240 -3.28 -18.65 19.08
CA THR B 240 -3.84 -19.90 19.58
C THR B 240 -3.47 -21.13 18.76
N GLY B 241 -3.24 -20.94 17.47
CA GLY B 241 -3.30 -22.02 16.51
C GLY B 241 -4.62 -21.87 15.77
N TYR B 242 -4.70 -22.44 14.58
CA TYR B 242 -5.92 -22.36 13.78
C TYR B 242 -7.12 -23.10 14.43
N TRP B 243 -8.32 -22.57 14.24
CA TRP B 243 -9.56 -23.19 14.72
C TRP B 243 -10.22 -23.95 13.58
N PHE B 244 -9.74 -25.15 13.27
CA PHE B 244 -10.23 -25.96 12.14
C PHE B 244 -11.57 -26.60 12.45
N LEU B 245 -12.38 -26.89 11.43
CA LEU B 245 -13.78 -27.32 11.62
C LEU B 245 -14.01 -28.83 11.83
N ASP B 246 -13.77 -29.66 10.82
CA ASP B 246 -13.85 -31.15 10.96
C ASP B 246 -15.31 -31.67 11.02
N PHE B 251 -18.48 -35.37 3.73
CA PHE B 251 -18.34 -35.00 2.32
C PHE B 251 -18.29 -36.24 1.44
N LYS B 252 -19.29 -36.36 0.57
CA LYS B 252 -19.32 -37.40 -0.46
C LYS B 252 -18.86 -36.78 -1.79
N PRO B 253 -17.63 -37.10 -2.24
CA PRO B 253 -17.17 -36.62 -3.55
C PRO B 253 -18.12 -36.95 -4.71
N PRO B 254 -18.22 -36.05 -5.71
CA PRO B 254 -18.80 -36.46 -6.99
C PRO B 254 -17.95 -37.54 -7.66
N ALA B 255 -18.59 -38.33 -8.52
CA ALA B 255 -17.89 -39.36 -9.30
C ALA B 255 -16.86 -38.73 -10.26
N GLU B 256 -17.24 -37.56 -10.82
CA GLU B 256 -16.39 -36.81 -11.74
C GLU B 256 -15.05 -36.47 -11.08
N LEU B 257 -15.13 -35.91 -9.87
CA LEU B 257 -13.95 -35.50 -9.10
C LEU B 257 -13.05 -36.68 -8.76
N GLN B 258 -13.66 -37.77 -8.30
CA GLN B 258 -12.91 -38.98 -7.94
C GLN B 258 -12.14 -39.48 -9.15
N GLU B 259 -12.81 -39.59 -10.29
CA GLU B 259 -12.16 -40.13 -11.50
C GLU B 259 -11.16 -39.14 -12.10
N PHE B 260 -11.43 -37.85 -11.93
CA PHE B 260 -10.46 -36.83 -12.38
C PHE B 260 -9.16 -36.90 -11.57
N ILE B 261 -9.27 -37.07 -10.24
CA ILE B 261 -8.08 -37.21 -9.40
C ILE B 261 -7.29 -38.47 -9.81
N SER B 262 -7.97 -39.62 -9.89
CA SER B 262 -7.27 -40.88 -10.24
C SER B 262 -6.78 -40.88 -11.69
N GLU B 263 -7.36 -40.06 -12.57
CA GLU B 263 -6.78 -39.93 -13.91
C GLU B 263 -5.42 -39.22 -13.81
N ALA B 264 -5.40 -38.06 -13.16
CA ALA B 264 -4.15 -37.30 -12.91
C ALA B 264 -3.09 -38.23 -12.31
N ARG B 265 -3.49 -39.01 -11.32
CA ARG B 265 -2.58 -39.93 -10.66
C ARG B 265 -2.13 -41.10 -11.59
N SER B 266 -3.08 -41.69 -12.32
CA SER B 266 -2.78 -42.79 -13.30
C SER B 266 -1.81 -42.37 -14.41
N LYS B 267 -1.87 -41.09 -14.79
CA LYS B 267 -0.95 -40.53 -15.78
C LYS B 267 0.43 -40.14 -15.20
N GLY B 268 0.56 -40.10 -13.87
CA GLY B 268 1.82 -39.69 -13.25
C GLY B 268 1.98 -38.17 -13.27
N VAL B 272 -2.97 -30.23 -9.02
CA VAL B 272 -2.90 -28.89 -8.45
C VAL B 272 -4.30 -28.30 -8.24
N TYR B 273 -4.43 -27.57 -7.13
CA TYR B 273 -5.61 -26.79 -6.84
C TYR B 273 -5.31 -25.31 -7.18
N ILE B 274 -6.18 -24.70 -8.00
CA ILE B 274 -6.16 -23.26 -8.22
C ILE B 274 -7.56 -22.71 -7.92
N GLY B 275 -7.63 -21.76 -7.00
CA GLY B 275 -8.91 -21.12 -6.65
C GLY B 275 -8.68 -19.85 -5.85
N PHE B 276 -9.25 -18.73 -6.32
CA PHE B 276 -9.04 -17.43 -5.70
C PHE B 276 -10.26 -16.91 -4.97
N GLY B 277 -11.32 -17.72 -4.90
CA GLY B 277 -12.58 -17.30 -4.30
C GLY B 277 -13.38 -16.40 -5.22
N SER B 278 -14.27 -15.60 -4.62
CA SER B 278 -15.14 -14.68 -5.37
C SER B 278 -14.48 -13.29 -5.52
N ILE B 279 -13.97 -13.01 -6.71
CA ILE B 279 -13.27 -11.76 -7.02
C ILE B 279 -13.84 -11.13 -8.30
N VAL B 280 -13.79 -9.81 -8.42
CA VAL B 280 -14.19 -9.13 -9.67
C VAL B 280 -12.94 -8.86 -10.51
N GLU B 286 -9.68 -13.70 -20.43
CA GLU B 286 -8.22 -13.66 -20.53
C GLU B 286 -7.54 -14.33 -19.32
N MET B 287 -8.04 -14.04 -18.11
CA MET B 287 -7.47 -14.62 -16.88
C MET B 287 -7.63 -16.14 -16.88
N THR B 288 -8.84 -16.60 -17.20
CA THR B 288 -9.13 -18.01 -17.45
C THR B 288 -8.12 -18.59 -18.46
N GLU B 289 -7.93 -17.89 -19.58
CA GLU B 289 -6.97 -18.33 -20.62
C GLU B 289 -5.52 -18.36 -20.11
N ALA B 290 -5.16 -17.38 -19.29
CA ALA B 290 -3.82 -17.36 -18.66
C ALA B 290 -3.63 -18.56 -17.75
N LEU B 291 -4.70 -18.94 -17.03
CA LEU B 291 -4.73 -20.17 -16.22
C LEU B 291 -4.51 -21.41 -17.09
N VAL B 292 -5.39 -21.55 -18.08
CA VAL B 292 -5.38 -22.74 -18.91
C VAL B 292 -3.97 -22.88 -19.53
N GLU B 293 -3.45 -21.76 -20.04
CA GLU B 293 -2.08 -21.70 -20.63
C GLU B 293 -0.99 -22.13 -19.64
N ALA B 294 -1.05 -21.56 -18.43
CA ALA B 294 -0.06 -21.84 -17.41
C ALA B 294 -0.13 -23.29 -16.96
N VAL B 295 -1.36 -23.82 -16.85
CA VAL B 295 -1.58 -25.23 -16.50
C VAL B 295 -0.91 -26.14 -17.51
N MET B 296 -1.20 -25.87 -18.78
CA MET B 296 -0.66 -26.63 -19.90
C MET B 296 0.87 -26.59 -19.91
N GLU B 297 1.46 -25.39 -19.77
CA GLU B 297 2.93 -25.25 -19.77
C GLU B 297 3.62 -26.07 -18.66
N ALA B 298 2.97 -26.17 -17.50
CA ALA B 298 3.46 -26.97 -16.36
C ALA B 298 2.98 -28.43 -16.42
N ASP B 299 2.29 -28.78 -17.51
CA ASP B 299 1.59 -30.05 -17.68
C ASP B 299 1.09 -30.70 -16.36
N VAL B 300 0.37 -29.92 -15.57
CA VAL B 300 -0.29 -30.44 -14.38
C VAL B 300 -1.77 -30.72 -14.72
N TYR B 301 -2.38 -31.59 -13.94
CA TYR B 301 -3.83 -31.60 -13.84
C TYR B 301 -4.24 -30.50 -12.87
N CYS B 302 -5.38 -29.86 -13.12
CA CYS B 302 -5.82 -28.73 -12.28
C CYS B 302 -7.26 -28.87 -11.79
N ILE B 303 -7.42 -28.74 -10.48
CA ILE B 303 -8.73 -28.72 -9.88
C ILE B 303 -8.89 -27.23 -9.72
N LEU B 304 -9.90 -26.71 -10.39
CA LEU B 304 -10.13 -25.28 -10.49
C LEU B 304 -11.40 -24.89 -9.72
N ASN B 305 -11.26 -24.05 -8.70
CA ASN B 305 -12.41 -23.48 -7.99
C ASN B 305 -12.57 -22.07 -8.50
N LYS B 306 -13.07 -21.96 -9.73
CA LYS B 306 -13.25 -20.67 -10.41
C LYS B 306 -14.44 -19.92 -9.81
N GLY B 307 -14.21 -18.65 -9.48
CA GLY B 307 -15.27 -17.77 -8.96
C GLY B 307 -15.06 -16.30 -9.30
N TRP B 308 -14.44 -16.03 -10.45
CA TRP B 308 -14.15 -14.68 -10.91
C TRP B 308 -15.01 -14.29 -12.12
N SER B 309 -15.49 -13.06 -12.12
CA SER B 309 -16.25 -12.53 -13.24
C SER B 309 -15.95 -11.03 -13.38
N GLU B 310 -16.66 -10.39 -14.31
CA GLU B 310 -16.61 -8.93 -14.52
C GLU B 310 -17.56 -8.16 -13.58
N ARG B 311 -18.67 -8.84 -13.22
CA ARG B 311 -19.71 -8.31 -12.36
C ARG B 311 -19.69 -8.91 -10.94
N ASN B 327 -7.72 -31.99 -18.81
CA ASN B 327 -6.82 -31.98 -17.61
C ASN B 327 -7.07 -30.82 -16.62
N ILE B 328 -8.24 -30.17 -16.72
CA ILE B 328 -8.62 -29.10 -15.80
C ILE B 328 -10.06 -29.33 -15.38
N LEU B 329 -10.29 -29.67 -14.10
CA LEU B 329 -11.67 -29.87 -13.64
C LEU B 329 -12.16 -28.61 -12.91
N ASN B 330 -13.12 -27.92 -13.51
CA ASN B 330 -13.80 -26.85 -12.84
C ASN B 330 -14.96 -27.45 -12.05
N ILE B 331 -14.96 -27.22 -10.74
CA ILE B 331 -15.99 -27.71 -9.85
C ILE B 331 -16.33 -26.68 -8.77
N GLY B 332 -17.58 -26.69 -8.30
CA GLY B 332 -18.01 -25.87 -7.19
C GLY B 332 -17.21 -26.20 -5.94
N ASN B 333 -17.73 -25.73 -4.81
CA ASN B 333 -16.93 -25.76 -3.59
C ASN B 333 -16.89 -27.18 -3.01
N VAL B 334 -15.66 -27.59 -2.68
CA VAL B 334 -15.32 -28.92 -2.20
C VAL B 334 -14.47 -28.68 -0.96
N PRO B 335 -14.90 -29.19 0.22
CA PRO B 335 -14.13 -28.90 1.44
C PRO B 335 -12.61 -29.04 1.24
N HIS B 336 -11.84 -28.01 1.62
CA HIS B 336 -10.37 -28.06 1.42
C HIS B 336 -9.72 -29.17 2.24
N ASP B 337 -10.17 -29.34 3.48
CA ASP B 337 -9.66 -30.39 4.38
C ASP B 337 -9.74 -31.79 3.76
N TRP B 338 -10.70 -31.99 2.87
CA TRP B 338 -10.77 -33.17 2.00
C TRP B 338 -9.80 -33.09 0.80
N LEU B 339 -9.84 -31.97 0.08
CA LEU B 339 -9.15 -31.86 -1.21
C LEU B 339 -7.61 -31.68 -1.12
N PHE B 340 -7.15 -30.88 -0.17
CA PHE B 340 -5.74 -30.53 -0.11
C PHE B 340 -4.82 -31.71 0.23
N PRO B 341 -5.26 -32.64 1.10
CA PRO B 341 -4.49 -33.87 1.26
C PRO B 341 -4.26 -34.63 -0.05
N GLN B 342 -5.25 -34.59 -0.95
CA GLN B 342 -5.21 -35.36 -2.20
C GLN B 342 -4.41 -34.76 -3.37
N VAL B 343 -3.86 -33.57 -3.20
CA VAL B 343 -3.27 -32.79 -4.28
C VAL B 343 -1.78 -32.56 -3.96
N ASP B 344 -1.02 -32.08 -4.94
CA ASP B 344 0.41 -31.80 -4.78
C ASP B 344 0.74 -30.35 -4.40
N ALA B 345 -0.05 -29.39 -4.85
CA ALA B 345 0.16 -27.99 -4.48
C ALA B 345 -1.09 -27.16 -4.69
N ALA B 346 -1.08 -25.99 -4.06
CA ALA B 346 -2.25 -25.12 -3.99
C ALA B 346 -1.91 -23.73 -4.49
N VAL B 347 -2.79 -23.20 -5.34
CA VAL B 347 -2.73 -21.82 -5.81
C VAL B 347 -3.98 -21.12 -5.34
N HIS B 348 -3.81 -20.18 -4.43
CA HIS B 348 -4.98 -19.46 -3.96
C HIS B 348 -4.71 -17.99 -3.67
N HIS B 349 -5.80 -17.29 -3.39
CA HIS B 349 -5.82 -15.87 -3.01
C HIS B 349 -5.07 -15.54 -1.72
N GLY B 350 -4.95 -16.49 -0.81
CA GLY B 350 -4.02 -16.36 0.33
C GLY B 350 -4.65 -15.87 1.60
N GLY B 351 -5.98 -15.97 1.67
CA GLY B 351 -6.74 -15.60 2.87
C GLY B 351 -6.36 -16.55 3.97
N SER B 352 -6.38 -16.07 5.21
CA SER B 352 -5.75 -16.78 6.33
C SER B 352 -6.20 -18.22 6.48
N GLY B 353 -7.50 -18.43 6.25
CA GLY B 353 -8.14 -19.74 6.35
C GLY B 353 -7.66 -20.70 5.29
N THR B 354 -7.77 -20.27 4.03
CA THR B 354 -7.29 -21.06 2.90
C THR B 354 -5.79 -21.32 3.03
N THR B 355 -5.03 -20.29 3.39
CA THR B 355 -3.60 -20.45 3.69
C THR B 355 -3.42 -21.52 4.78
N GLY B 356 -4.22 -21.40 5.84
CA GLY B 356 -4.24 -22.35 6.94
C GLY B 356 -4.58 -23.76 6.52
N ALA B 357 -5.55 -23.89 5.64
CA ALA B 357 -5.91 -25.18 5.07
C ALA B 357 -4.77 -25.83 4.27
N SER B 358 -4.12 -25.05 3.40
CA SER B 358 -3.08 -25.57 2.52
C SER B 358 -1.84 -25.90 3.32
N LEU B 359 -1.53 -25.04 4.27
CA LEU B 359 -0.41 -25.25 5.14
C LEU B 359 -0.65 -26.50 5.99
N ARG B 360 -1.88 -26.68 6.45
CA ARG B 360 -2.24 -27.83 7.29
C ARG B 360 -2.04 -29.13 6.53
N ALA B 361 -2.48 -29.15 5.29
CA ALA B 361 -2.25 -30.26 4.34
C ALA B 361 -0.81 -30.39 3.83
N GLY B 362 0.09 -29.50 4.24
CA GLY B 362 1.50 -29.54 3.84
C GLY B 362 1.77 -29.25 2.36
N LEU B 363 0.85 -28.56 1.70
CA LEU B 363 1.02 -28.19 0.30
C LEU B 363 2.06 -27.05 0.17
N PRO B 364 2.90 -27.12 -0.89
CA PRO B 364 3.60 -25.90 -1.35
C PRO B 364 2.57 -24.95 -1.94
N THR B 365 2.60 -23.70 -1.52
CA THR B 365 1.46 -22.81 -1.65
C THR B 365 1.82 -21.53 -2.41
N VAL B 366 1.23 -21.34 -3.59
CA VAL B 366 1.48 -20.14 -4.36
C VAL B 366 0.28 -19.22 -4.16
N ILE B 367 0.56 -17.94 -3.89
CA ILE B 367 -0.47 -16.97 -3.51
C ILE B 367 -0.48 -15.81 -4.49
N LYS B 368 -1.68 -15.41 -4.87
CA LYS B 368 -1.92 -14.23 -5.66
C LYS B 368 -2.94 -13.41 -4.87
N PRO B 369 -2.47 -12.51 -4.00
CA PRO B 369 -3.38 -11.76 -3.11
C PRO B 369 -4.15 -10.67 -3.82
N PHE B 370 -5.35 -10.36 -3.34
CA PHE B 370 -6.21 -9.33 -3.93
C PHE B 370 -6.62 -8.24 -2.95
N PHE B 371 -7.24 -8.66 -1.85
CA PHE B 371 -7.73 -7.76 -0.82
C PHE B 371 -7.17 -8.21 0.53
N GLY B 372 -6.78 -7.24 1.34
CA GLY B 372 -6.65 -7.41 2.78
C GLY B 372 -5.49 -8.24 3.32
N ASP B 373 -5.82 -9.27 4.10
CA ASP B 373 -4.82 -10.11 4.79
C ASP B 373 -4.03 -10.99 3.84
N GLN B 374 -4.58 -11.17 2.65
CA GLN B 374 -3.97 -11.94 1.60
C GLN B 374 -2.55 -11.51 1.29
N PHE B 375 -2.31 -10.21 1.27
CA PHE B 375 -0.97 -9.70 0.98
C PHE B 375 -0.01 -10.11 2.09
N PHE B 376 -0.51 -9.98 3.34
CA PHE B 376 0.25 -10.38 4.50
C PHE B 376 0.71 -11.82 4.37
N TYR B 377 -0.21 -12.73 4.08
CA TYR B 377 0.12 -14.17 4.05
C TYR B 377 0.97 -14.55 2.85
N ALA B 378 0.82 -13.81 1.75
CA ALA B 378 1.66 -13.99 0.57
C ALA B 378 3.13 -13.72 0.94
N GLY B 379 3.35 -12.69 1.75
CA GLY B 379 4.68 -12.40 2.28
C GLY B 379 5.16 -13.45 3.28
N ARG B 380 4.26 -13.85 4.17
CA ARG B 380 4.55 -14.82 5.21
C ARG B 380 4.93 -16.18 4.64
N VAL B 381 4.20 -16.65 3.62
CA VAL B 381 4.52 -17.95 2.99
C VAL B 381 5.92 -17.94 2.35
N GLU B 382 6.30 -16.81 1.77
CA GLU B 382 7.63 -16.63 1.21
C GLU B 382 8.70 -16.63 2.32
N ASP B 383 8.45 -15.87 3.39
CA ASP B 383 9.40 -15.77 4.50
C ASP B 383 9.68 -17.10 5.15
N ILE B 384 8.62 -17.88 5.41
CA ILE B 384 8.79 -19.19 6.04
C ILE B 384 9.33 -20.27 5.07
N GLY B 385 9.22 -20.03 3.75
CA GLY B 385 9.87 -20.88 2.75
C GLY B 385 9.02 -22.02 2.21
N VAL B 386 7.71 -21.90 2.39
CA VAL B 386 6.75 -22.94 1.98
C VAL B 386 5.92 -22.52 0.76
N GLY B 387 6.37 -21.49 0.07
CA GLY B 387 5.54 -20.93 -0.97
C GLY B 387 6.05 -19.73 -1.74
N ILE B 388 5.26 -19.37 -2.73
CA ILE B 388 5.58 -18.32 -3.68
C ILE B 388 4.48 -17.28 -3.57
N ALA B 389 4.88 -16.01 -3.64
CA ALA B 389 3.95 -14.89 -3.75
C ALA B 389 4.03 -14.36 -5.17
N LEU B 390 2.95 -14.48 -5.93
CA LEU B 390 2.83 -13.81 -7.23
C LEU B 390 2.25 -12.42 -7.08
N LYS B 391 2.83 -11.46 -7.82
CA LYS B 391 2.26 -10.12 -7.96
C LYS B 391 1.59 -10.12 -9.32
N LYS B 392 2.39 -10.33 -10.37
CA LYS B 392 1.87 -10.54 -11.72
C LYS B 392 1.35 -11.96 -11.86
N LEU B 393 0.04 -12.07 -12.07
CA LEU B 393 -0.58 -13.28 -12.58
C LEU B 393 -0.70 -13.17 -14.12
N ASN B 394 0.30 -13.74 -14.80
CA ASN B 394 0.20 -14.02 -16.23
C ASN B 394 0.52 -15.49 -16.37
N ALA B 395 0.40 -16.01 -17.61
CA ALA B 395 0.67 -17.42 -17.88
C ALA B 395 2.11 -17.84 -17.52
N GLN B 396 3.08 -16.93 -17.69
CA GLN B 396 4.50 -17.28 -17.47
C GLN B 396 4.81 -17.40 -15.97
N THR B 397 4.52 -16.34 -15.20
CA THR B 397 4.71 -16.33 -13.73
C THR B 397 4.03 -17.53 -13.05
N LEU B 398 2.78 -17.79 -13.41
CA LEU B 398 2.02 -18.91 -12.87
C LEU B 398 2.62 -20.25 -13.30
N ALA B 399 2.89 -20.42 -14.59
CA ALA B 399 3.54 -21.63 -15.10
C ALA B 399 4.83 -21.92 -14.30
N ASP B 400 5.66 -20.88 -14.11
CA ASP B 400 6.92 -20.98 -13.35
C ASP B 400 6.70 -21.22 -11.86
N ALA B 401 5.64 -20.63 -11.31
CA ALA B 401 5.25 -20.91 -9.91
C ALA B 401 4.80 -22.36 -9.76
N LEU B 402 3.97 -22.82 -10.70
CA LEU B 402 3.45 -24.19 -10.67
C LEU B 402 4.57 -25.20 -10.73
N LYS B 403 5.54 -24.98 -11.61
CA LYS B 403 6.70 -25.89 -11.70
C LYS B 403 7.66 -25.81 -10.50
N VAL B 404 7.90 -24.64 -9.93
CA VAL B 404 8.67 -24.56 -8.68
C VAL B 404 7.89 -25.31 -7.59
N ALA B 405 6.64 -24.93 -7.38
CA ALA B 405 5.82 -25.49 -6.27
C ALA B 405 5.71 -27.01 -6.31
N THR B 406 5.56 -27.56 -7.50
CA THR B 406 5.38 -29.00 -7.65
C THR B 406 6.71 -29.75 -7.64
N THR B 407 7.82 -29.06 -7.89
CA THR B 407 9.13 -29.72 -7.93
C THR B 407 10.11 -29.45 -6.78
N ASN B 408 10.19 -28.19 -6.31
CA ASN B 408 11.27 -27.79 -5.41
C ASN B 408 11.28 -28.62 -4.15
N LYS B 409 12.36 -29.36 -3.95
CA LYS B 409 12.44 -30.32 -2.85
C LYS B 409 12.44 -29.60 -1.50
N ILE B 410 13.16 -28.47 -1.40
CA ILE B 410 13.25 -27.76 -0.10
C ILE B 410 11.88 -27.14 0.33
N MET B 411 11.08 -26.77 -0.67
CA MET B 411 9.76 -26.20 -0.42
C MET B 411 8.76 -27.31 -0.02
N LYS B 412 8.86 -28.48 -0.65
CA LYS B 412 8.10 -29.66 -0.25
C LYS B 412 8.45 -30.04 1.20
N ASP B 413 9.76 -30.07 1.49
CA ASP B 413 10.24 -30.38 2.84
C ASP B 413 9.71 -29.45 3.93
N ARG B 414 9.87 -28.13 3.72
CA ARG B 414 9.38 -27.13 4.69
C ARG B 414 7.86 -27.20 4.88
N ALA B 415 7.13 -27.33 3.78
CA ALA B 415 5.68 -27.56 3.84
C ALA B 415 5.33 -28.74 4.74
N GLY B 416 6.12 -29.82 4.61
CA GLY B 416 6.02 -30.99 5.49
C GLY B 416 6.30 -30.69 6.96
N LEU B 417 7.37 -29.97 7.25
CA LEU B 417 7.70 -29.63 8.64
C LEU B 417 6.67 -28.68 9.27
N ILE B 418 6.02 -27.85 8.44
CA ILE B 418 4.91 -27.00 8.88
C ILE B 418 3.70 -27.86 9.20
N LYS B 419 3.34 -28.71 8.26
CA LYS B 419 2.28 -29.72 8.45
C LYS B 419 2.43 -30.53 9.75
N LYS B 420 3.67 -30.82 10.10
CA LYS B 420 3.95 -31.52 11.33
C LYS B 420 3.66 -30.63 12.55
N LYS B 421 4.08 -29.37 12.50
CA LYS B 421 3.89 -28.44 13.63
C LYS B 421 2.41 -28.15 13.87
N ILE B 422 1.72 -27.77 12.79
CA ILE B 422 0.26 -27.58 12.75
C ILE B 422 -0.51 -28.83 13.23
N SER B 423 0.02 -30.03 12.96
CA SER B 423 -0.64 -31.27 13.44
C SER B 423 -0.60 -31.45 14.95
N LYS B 424 0.48 -31.01 15.60
CA LYS B 424 0.58 -31.04 17.05
C LYS B 424 -0.01 -29.82 17.78
N GLU B 425 -0.73 -28.95 17.06
CA GLU B 425 -1.25 -27.70 17.63
C GLU B 425 -2.73 -27.84 17.89
N ASP B 426 -3.22 -27.26 18.97
CA ASP B 426 -4.66 -27.29 19.27
C ASP B 426 -5.20 -25.88 19.45
N GLY B 427 -5.51 -25.25 18.32
CA GLY B 427 -6.15 -23.95 18.29
C GLY B 427 -7.37 -23.81 19.18
N ILE B 428 -8.24 -24.82 19.13
CA ILE B 428 -9.50 -24.77 19.86
C ILE B 428 -9.26 -24.80 21.35
N LYS B 429 -8.54 -25.83 21.79
CA LYS B 429 -8.20 -26.02 23.20
C LYS B 429 -7.50 -24.80 23.72
N THR B 430 -6.38 -24.47 23.08
CA THR B 430 -5.57 -23.32 23.46
C THR B 430 -6.39 -22.04 23.61
N ALA B 431 -7.31 -21.81 22.67
CA ALA B 431 -8.19 -20.63 22.72
C ALA B 431 -9.06 -20.68 23.94
N ILE B 432 -9.79 -21.78 24.09
CA ILE B 432 -10.70 -21.98 25.23
C ILE B 432 -9.94 -21.85 26.55
N SER B 433 -8.78 -22.52 26.66
CA SER B 433 -7.86 -22.36 27.79
C SER B 433 -7.68 -20.89 28.12
N ALA B 434 -7.35 -20.10 27.09
CA ALA B 434 -7.15 -18.66 27.23
C ALA B 434 -8.43 -17.90 27.61
N ILE B 435 -9.55 -18.24 26.97
CA ILE B 435 -10.84 -17.60 27.27
C ILE B 435 -11.13 -17.76 28.77
N TYR B 436 -10.76 -18.92 29.31
CA TYR B 436 -10.88 -19.19 30.73
C TYR B 436 -9.83 -18.48 31.53
N ASN B 437 -8.55 -18.71 31.23
CA ASN B 437 -7.44 -18.02 31.91
C ASN B 437 -7.70 -16.50 32.04
N GLU B 438 -8.05 -15.89 30.91
CA GLU B 438 -8.24 -14.43 30.82
C GLU B 438 -9.61 -13.90 31.24
N LEU B 439 -10.54 -14.74 31.66
CA LEU B 439 -11.91 -14.29 31.88
C LEU B 439 -12.06 -13.17 32.95
N GLU B 440 -11.36 -13.33 34.08
CA GLU B 440 -11.37 -12.31 35.16
C GLU B 440 -10.81 -10.98 34.66
N TYR B 441 -9.64 -11.03 34.00
CA TYR B 441 -9.02 -9.88 33.32
C TYR B 441 -9.95 -9.24 32.31
N ALA B 442 -10.48 -10.07 31.43
CA ALA B 442 -11.38 -9.62 30.39
C ALA B 442 -12.53 -8.78 30.95
N ARG B 443 -13.02 -9.15 32.14
CA ARG B 443 -14.01 -8.33 32.86
C ARG B 443 -13.46 -6.98 33.29
N SER B 444 -12.28 -6.97 33.93
CA SER B 444 -11.63 -5.72 34.40
C SER B 444 -11.35 -4.71 33.29
N VAL B 445 -10.91 -5.22 32.14
CA VAL B 445 -10.76 -4.41 30.93
C VAL B 445 -12.08 -3.72 30.57
N THR B 446 -13.16 -4.49 30.53
CA THR B 446 -14.48 -3.94 30.23
C THR B 446 -14.89 -2.93 31.31
N LEU B 447 -14.70 -3.30 32.57
CA LEU B 447 -15.14 -2.43 33.69
C LEU B 447 -14.28 -1.15 33.86
N SER B 448 -13.04 -1.20 33.39
CA SER B 448 -12.19 0.00 33.28
C SER B 448 -12.81 1.03 32.34
N ARG B 449 -13.42 0.58 31.24
CA ARG B 449 -14.18 1.48 30.34
C ARG B 449 -15.53 1.99 30.88
N VAL B 450 -16.16 1.26 31.79
CA VAL B 450 -17.48 1.63 32.33
C VAL B 450 -17.41 2.91 33.16
#